data_5E4F
#
_entry.id   5E4F
#
_cell.length_a   95.451
_cell.length_b   46.104
_cell.length_c   109.041
_cell.angle_alpha   90.00
_cell.angle_beta   104.05
_cell.angle_gamma   90.00
#
_symmetry.space_group_name_H-M   'P 1 21 1'
#
loop_
_entity.id
_entity.type
_entity.pdbx_description
1 polymer 'Serine protease NS3'
2 non-polymer 'TETRAFLUOROALUMINATE ION'
3 non-polymer "ADENOSINE-5'-DIPHOSPHATE"
4 non-polymer 'MAGNESIUM ION'
5 water water
#
_entity_poly.entity_id   1
_entity_poly.type   'polypeptide(L)'
_entity_poly.pdbx_seq_one_letter_code
;SPPAVPQTFQVAHLHAPTGSGKSTKVPAAYAAQGYKVLVLNPSVAATLGFGAYMSKAHGIDPNIRTGVRTITTGAPITYS
TYGKFLADGGCSGGAYDIIICDECHSTDSTTILGIGTVLDQAETAGARLVVLATATPPGSVTVPHPNIEEVALSSTGEIP
FYGKAIPIETIKGGRHLIFCHSKKKCDELAAKLSGLGLNAVAYYRGLDVSVIPTSGDVIVVATDALMTGFTGDFDSVIDC
NTCVTQTVDFSLDPTFTIETTTVPQDAVSRSQRRGRTGRGRMGIYRFVTPGERPSGMFDSSVLCECYDAGCAWYELTPAE
TSVRLRAYLNTPGLPVCQDHLEFWESVFTGLTHIDAHFLSQTKQAGDNFPYLVAYQATVCARAQAPPPSWDQMWKCLIRL
KPTLHGPTPLLYRLGAVQNEVTTTHPITKYIMACMSA
;
_entity_poly.pdbx_strand_id   A,B
#
loop_
_chem_comp.id
_chem_comp.type
_chem_comp.name
_chem_comp.formula
ADP non-polymer ADENOSINE-5'-DIPHOSPHATE 'C10 H15 N5 O10 P2'
ALF non-polymer 'TETRAFLUOROALUMINATE ION' 'Al F4 -1'
MG non-polymer 'MAGNESIUM ION' 'Mg 2'
#
# COMPACT_ATOMS: atom_id res chain seq x y z
N SER A 1 -29.13 -24.35 -9.56
CA SER A 1 -30.40 -24.40 -8.77
C SER A 1 -30.27 -25.28 -7.54
N PRO A 2 -31.04 -24.98 -6.48
CA PRO A 2 -31.03 -25.74 -5.23
C PRO A 2 -31.48 -27.19 -5.43
N PRO A 3 -30.58 -28.17 -5.17
CA PRO A 3 -30.88 -29.60 -5.33
C PRO A 3 -32.10 -30.09 -4.56
N ALA A 4 -32.85 -31.00 -5.18
CA ALA A 4 -34.06 -31.59 -4.60
C ALA A 4 -33.76 -32.40 -3.34
N VAL A 5 -34.81 -32.88 -2.67
CA VAL A 5 -34.64 -33.63 -1.44
C VAL A 5 -35.65 -34.75 -1.12
N PRO A 6 -35.22 -36.02 -1.23
CA PRO A 6 -36.06 -37.21 -0.94
C PRO A 6 -35.92 -37.53 0.55
N GLN A 7 -36.57 -38.61 1.00
CA GLN A 7 -36.47 -38.98 2.41
C GLN A 7 -35.07 -39.49 2.79
N THR A 8 -34.48 -40.30 1.91
CA THR A 8 -33.14 -40.86 2.15
C THR A 8 -32.03 -39.82 2.27
N PHE A 9 -31.27 -39.90 3.36
CA PHE A 9 -30.17 -38.96 3.63
C PHE A 9 -29.23 -38.80 2.45
N GLN A 10 -28.74 -37.57 2.25
CA GLN A 10 -27.82 -37.27 1.17
C GLN A 10 -27.03 -36.02 1.49
N VAL A 11 -25.85 -35.89 0.87
CA VAL A 11 -25.02 -34.72 1.02
C VAL A 11 -24.91 -34.15 -0.39
N ALA A 12 -25.31 -32.90 -0.57
CA ALA A 12 -25.25 -32.26 -1.88
C ALA A 12 -24.49 -30.94 -1.86
N HIS A 13 -24.23 -30.39 -3.03
CA HIS A 13 -23.51 -29.14 -3.12
C HIS A 13 -24.38 -28.05 -3.73
N LEU A 14 -23.96 -26.80 -3.54
CA LEU A 14 -24.66 -25.64 -4.09
C LEU A 14 -23.62 -24.57 -4.43
N HIS A 15 -23.41 -24.38 -5.72
CA HIS A 15 -22.45 -23.40 -6.23
C HIS A 15 -23.21 -22.35 -7.01
N ALA A 16 -22.99 -21.09 -6.67
CA ALA A 16 -23.65 -19.97 -7.35
C ALA A 16 -22.89 -18.70 -6.99
N PRO A 17 -22.78 -17.75 -7.94
CA PRO A 17 -22.05 -16.51 -7.69
C PRO A 17 -22.42 -15.68 -6.44
N THR A 18 -21.47 -14.85 -6.02
CA THR A 18 -21.64 -14.00 -4.85
C THR A 18 -22.88 -13.15 -5.01
N GLY A 19 -23.65 -13.02 -3.91
CA GLY A 19 -24.86 -12.21 -3.95
C GLY A 19 -26.05 -12.74 -4.73
N SER A 20 -25.97 -13.99 -5.18
CA SER A 20 -27.06 -14.56 -5.96
C SER A 20 -28.26 -15.02 -5.12
N GLY A 21 -28.04 -15.33 -3.84
CA GLY A 21 -29.16 -15.76 -2.99
C GLY A 21 -29.05 -17.11 -2.31
N LYS A 22 -27.84 -17.68 -2.22
CA LYS A 22 -27.65 -18.97 -1.58
C LYS A 22 -28.13 -18.99 -0.12
N SER A 23 -27.85 -17.92 0.60
CA SER A 23 -28.21 -17.82 2.02
C SER A 23 -29.59 -17.27 2.31
N THR A 24 -30.24 -16.70 1.30
CA THR A 24 -31.55 -16.11 1.51
C THR A 24 -32.65 -16.75 0.67
N LYS A 25 -32.56 -16.62 -0.65
CA LYS A 25 -33.56 -17.18 -1.55
C LYS A 25 -33.65 -18.71 -1.49
N VAL A 26 -32.53 -19.38 -1.32
CA VAL A 26 -32.54 -20.84 -1.27
C VAL A 26 -33.27 -21.35 -0.02
N PRO A 27 -32.84 -20.92 1.18
CA PRO A 27 -33.57 -21.42 2.35
C PRO A 27 -35.04 -21.01 2.37
N ALA A 28 -35.37 -19.88 1.73
CA ALA A 28 -36.74 -19.42 1.68
C ALA A 28 -37.55 -20.40 0.82
N ALA A 29 -36.91 -20.95 -0.20
CA ALA A 29 -37.55 -21.90 -1.10
C ALA A 29 -37.80 -23.24 -0.41
N TYR A 30 -36.80 -23.74 0.31
CA TYR A 30 -36.95 -25.00 1.04
C TYR A 30 -38.10 -24.88 2.05
N ALA A 31 -38.13 -23.75 2.77
CA ALA A 31 -39.17 -23.53 3.75
C ALA A 31 -40.56 -23.51 3.10
N ALA A 32 -40.66 -22.83 1.96
CA ALA A 32 -41.93 -22.73 1.24
C ALA A 32 -42.42 -24.13 0.91
N GLN A 33 -41.49 -25.05 0.70
CA GLN A 33 -41.82 -26.43 0.39
C GLN A 33 -42.23 -27.17 1.67
N GLY A 34 -42.14 -26.49 2.82
CA GLY A 34 -42.53 -27.10 4.08
C GLY A 34 -41.43 -27.72 4.94
N TYR A 35 -40.18 -27.46 4.61
CA TYR A 35 -39.06 -28.02 5.38
C TYR A 35 -38.57 -27.06 6.47
N LYS A 36 -37.90 -27.63 7.46
CA LYS A 36 -37.32 -26.86 8.54
C LYS A 36 -35.85 -26.79 8.15
N VAL A 37 -35.31 -25.59 8.07
CA VAL A 37 -33.93 -25.41 7.65
C VAL A 37 -32.99 -24.72 8.63
N LEU A 38 -31.76 -25.19 8.67
CA LEU A 38 -30.72 -24.60 9.51
C LEU A 38 -29.63 -24.12 8.55
N VAL A 39 -29.27 -22.84 8.66
CA VAL A 39 -28.23 -22.27 7.81
C VAL A 39 -27.04 -21.87 8.69
N LEU A 40 -25.92 -22.55 8.50
CA LEU A 40 -24.74 -22.28 9.31
C LEU A 40 -23.73 -21.38 8.61
N ASN A 41 -23.37 -20.26 9.24
CA ASN A 41 -22.41 -19.31 8.68
C ASN A 41 -21.24 -19.03 9.61
N PRO A 42 -20.07 -18.72 9.04
CA PRO A 42 -18.88 -18.43 9.86
C PRO A 42 -19.00 -17.09 10.59
N SER A 43 -19.55 -16.09 9.88
CA SER A 43 -19.69 -14.73 10.42
C SER A 43 -20.92 -14.46 11.28
N VAL A 44 -20.71 -13.88 12.46
CA VAL A 44 -21.81 -13.55 13.36
C VAL A 44 -22.51 -12.32 12.78
N ALA A 45 -21.73 -11.45 12.14
CA ALA A 45 -22.30 -10.26 11.53
C ALA A 45 -23.29 -10.58 10.41
N ALA A 46 -22.92 -11.52 9.53
CA ALA A 46 -23.80 -11.90 8.44
C ALA A 46 -25.03 -12.61 8.99
N THR A 47 -24.82 -13.41 10.03
CA THR A 47 -25.89 -14.18 10.66
C THR A 47 -26.95 -13.27 11.28
N LEU A 48 -26.52 -12.30 12.08
CA LEU A 48 -27.47 -11.37 12.67
C LEU A 48 -28.16 -10.60 11.55
N GLY A 49 -27.41 -10.34 10.49
CA GLY A 49 -27.96 -9.60 9.36
C GLY A 49 -29.11 -10.29 8.64
N PHE A 50 -29.07 -11.61 8.53
CA PHE A 50 -30.13 -12.35 7.85
C PHE A 50 -31.48 -12.22 8.54
N GLY A 51 -31.46 -12.02 9.85
CA GLY A 51 -32.69 -11.89 10.61
C GLY A 51 -33.54 -10.70 10.19
N ALA A 52 -32.97 -9.50 10.22
CA ALA A 52 -33.73 -8.32 9.84
C ALA A 52 -34.02 -8.30 8.34
N TYR A 53 -33.08 -8.79 7.54
CA TYR A 53 -33.28 -8.78 6.09
C TYR A 53 -34.38 -9.73 5.63
N MET A 54 -34.36 -10.96 6.09
CA MET A 54 -35.37 -11.93 5.68
C MET A 54 -36.77 -11.47 6.12
N SER A 55 -36.87 -10.87 7.29
CA SER A 55 -38.14 -10.42 7.80
C SER A 55 -38.70 -9.28 6.95
N LYS A 56 -37.81 -8.39 6.53
CA LYS A 56 -38.20 -7.24 5.73
C LYS A 56 -38.31 -7.47 4.23
N ALA A 57 -37.71 -8.55 3.72
CA ALA A 57 -37.73 -8.80 2.29
C ALA A 57 -38.25 -10.16 1.84
N HIS A 58 -38.39 -11.10 2.77
CA HIS A 58 -38.86 -12.43 2.40
C HIS A 58 -40.07 -12.99 3.15
N GLY A 59 -40.80 -12.11 3.84
CA GLY A 59 -41.98 -12.51 4.56
C GLY A 59 -41.81 -13.55 5.66
N ILE A 60 -40.64 -13.57 6.28
CA ILE A 60 -40.36 -14.54 7.32
C ILE A 60 -39.30 -14.04 8.29
N ASP A 61 -39.59 -14.17 9.58
CA ASP A 61 -38.68 -13.73 10.64
C ASP A 61 -38.10 -15.00 11.24
N PRO A 62 -36.89 -15.39 10.81
CA PRO A 62 -36.21 -16.60 11.27
C PRO A 62 -35.62 -16.59 12.67
N ASN A 63 -35.35 -17.79 13.16
CA ASN A 63 -34.72 -17.93 14.46
C ASN A 63 -33.28 -17.51 14.23
N ILE A 64 -32.66 -16.94 15.24
CA ILE A 64 -31.27 -16.51 15.16
C ILE A 64 -30.51 -17.04 16.38
N ARG A 65 -29.42 -17.74 16.14
CA ARG A 65 -28.64 -18.30 17.24
C ARG A 65 -27.16 -17.93 17.14
N THR A 66 -26.71 -17.08 18.06
CA THR A 66 -25.32 -16.67 18.10
C THR A 66 -24.88 -16.85 19.55
N GLY A 67 -23.57 -16.86 19.79
CA GLY A 67 -23.10 -17.03 21.15
C GLY A 67 -23.77 -16.07 22.11
N VAL A 68 -23.66 -14.77 21.81
CA VAL A 68 -24.21 -13.72 22.66
C VAL A 68 -25.73 -13.52 22.63
N ARG A 69 -26.35 -13.66 21.45
CA ARG A 69 -27.80 -13.42 21.37
C ARG A 69 -28.59 -14.46 20.58
N THR A 70 -29.72 -14.89 21.16
CA THR A 70 -30.58 -15.86 20.52
C THR A 70 -31.98 -15.26 20.39
N ILE A 71 -32.55 -15.35 19.18
CA ILE A 71 -33.88 -14.81 18.91
C ILE A 71 -34.76 -15.95 18.41
N THR A 72 -35.67 -16.42 19.27
CA THR A 72 -36.56 -17.53 18.93
C THR A 72 -37.92 -17.04 18.45
N THR A 73 -38.25 -17.37 17.21
CA THR A 73 -39.52 -16.98 16.63
C THR A 73 -40.40 -18.20 16.32
N GLY A 74 -39.75 -19.36 16.19
CA GLY A 74 -40.50 -20.57 15.87
C GLY A 74 -40.68 -20.75 14.37
N ALA A 75 -39.97 -19.92 13.59
CA ALA A 75 -40.05 -20.00 12.13
C ALA A 75 -39.38 -21.27 11.63
N PRO A 76 -39.67 -21.65 10.38
CA PRO A 76 -39.05 -22.86 9.81
C PRO A 76 -37.60 -22.66 9.30
N ILE A 77 -37.04 -21.49 9.55
CA ILE A 77 -35.66 -21.21 9.14
C ILE A 77 -34.85 -20.68 10.34
N THR A 78 -33.66 -21.22 10.50
CA THR A 78 -32.79 -20.80 11.59
C THR A 78 -31.40 -20.47 11.06
N TYR A 79 -30.88 -19.30 11.44
CA TYR A 79 -29.54 -18.88 11.06
C TYR A 79 -28.65 -18.94 12.30
N SER A 80 -27.53 -19.64 12.18
CA SER A 80 -26.62 -19.79 13.29
C SER A 80 -25.16 -19.71 12.83
N THR A 81 -24.26 -19.39 13.75
CA THR A 81 -22.84 -19.36 13.42
C THR A 81 -22.37 -20.77 13.71
N TYR A 82 -21.27 -21.18 13.09
CA TYR A 82 -20.72 -22.51 13.34
C TYR A 82 -20.30 -22.62 14.82
N GLY A 83 -19.82 -21.50 15.39
CA GLY A 83 -19.39 -21.50 16.78
C GLY A 83 -20.51 -21.79 17.78
N LYS A 84 -21.65 -21.12 17.59
CA LYS A 84 -22.81 -21.32 18.46
C LYS A 84 -23.28 -22.77 18.31
N PHE A 85 -23.34 -23.24 17.07
CA PHE A 85 -23.74 -24.61 16.75
C PHE A 85 -22.87 -25.61 17.54
N LEU A 86 -21.55 -25.46 17.44
CA LEU A 86 -20.61 -26.34 18.14
C LEU A 86 -20.69 -26.20 19.67
N ALA A 87 -20.80 -24.96 20.15
CA ALA A 87 -20.88 -24.71 21.58
C ALA A 87 -22.12 -25.35 22.21
N ASP A 88 -23.20 -25.45 21.44
CA ASP A 88 -24.42 -26.05 21.95
C ASP A 88 -24.40 -27.56 21.83
N GLY A 89 -23.30 -28.09 21.30
CA GLY A 89 -23.17 -29.54 21.19
C GLY A 89 -23.46 -30.20 19.86
N GLY A 90 -23.47 -29.44 18.76
CA GLY A 90 -23.73 -30.03 17.47
C GLY A 90 -25.20 -30.13 17.08
N CYS A 91 -25.51 -31.11 16.23
CA CYS A 91 -26.88 -31.31 15.74
C CYS A 91 -27.91 -31.60 16.82
N SER A 92 -28.98 -30.81 16.82
CA SER A 92 -30.07 -30.97 17.76
C SER A 92 -30.98 -32.04 17.17
N GLY A 93 -31.17 -33.15 17.89
CA GLY A 93 -31.99 -34.24 17.38
C GLY A 93 -33.41 -33.88 17.01
N GLY A 94 -33.79 -34.20 15.77
CA GLY A 94 -35.12 -33.93 15.27
C GLY A 94 -35.53 -32.49 15.01
N ALA A 95 -34.59 -31.56 15.06
CA ALA A 95 -34.90 -30.16 14.84
C ALA A 95 -34.96 -29.69 13.39
N TYR A 96 -34.17 -30.30 12.50
CA TYR A 96 -34.19 -29.85 11.11
C TYR A 96 -34.24 -30.93 10.03
N ASP A 97 -34.82 -30.57 8.89
CA ASP A 97 -34.90 -31.46 7.74
C ASP A 97 -33.69 -31.22 6.85
N ILE A 98 -33.32 -29.95 6.72
CA ILE A 98 -32.20 -29.56 5.87
C ILE A 98 -31.21 -28.68 6.61
N ILE A 99 -29.94 -29.02 6.47
CA ILE A 99 -28.88 -28.27 7.12
C ILE A 99 -27.95 -27.72 6.05
N ILE A 100 -27.89 -26.40 5.95
CA ILE A 100 -27.05 -25.76 4.97
C ILE A 100 -25.71 -25.32 5.57
N CYS A 101 -24.63 -26.01 5.19
CA CYS A 101 -23.30 -25.62 5.64
C CYS A 101 -22.88 -24.48 4.71
N ASP A 102 -23.15 -23.26 5.14
CA ASP A 102 -22.85 -22.07 4.33
C ASP A 102 -21.36 -21.70 4.31
N GLU A 103 -20.94 -21.05 3.22
CA GLU A 103 -19.56 -20.61 3.05
C GLU A 103 -18.60 -21.74 3.32
N CYS A 104 -18.86 -22.90 2.72
CA CYS A 104 -18.01 -24.08 2.94
C CYS A 104 -16.59 -23.96 2.36
N HIS A 105 -16.29 -22.84 1.72
CA HIS A 105 -14.95 -22.61 1.18
C HIS A 105 -14.04 -22.13 2.32
N SER A 106 -14.67 -21.67 3.40
CA SER A 106 -13.94 -21.15 4.55
C SER A 106 -13.10 -22.20 5.28
N THR A 107 -11.82 -21.89 5.45
CA THR A 107 -10.91 -22.80 6.11
C THR A 107 -10.48 -22.44 7.52
N ASP A 108 -11.24 -21.59 8.20
CA ASP A 108 -10.92 -21.25 9.57
C ASP A 108 -11.29 -22.51 10.35
N SER A 109 -10.62 -22.74 11.47
CA SER A 109 -10.85 -23.94 12.27
C SER A 109 -12.27 -24.18 12.75
N THR A 110 -13.00 -23.12 13.08
CA THR A 110 -14.38 -23.30 13.57
C THR A 110 -15.29 -23.88 12.49
N THR A 111 -15.14 -23.41 11.26
CA THR A 111 -15.95 -23.89 10.16
C THR A 111 -15.61 -25.33 9.80
N ILE A 112 -14.32 -25.66 9.82
CA ILE A 112 -13.90 -27.03 9.50
C ILE A 112 -14.54 -27.98 10.50
N LEU A 113 -14.38 -27.67 11.78
CA LEU A 113 -14.95 -28.49 12.85
C LEU A 113 -16.46 -28.54 12.73
N GLY A 114 -17.06 -27.39 12.41
CA GLY A 114 -18.51 -27.31 12.28
C GLY A 114 -19.09 -28.17 11.16
N ILE A 115 -18.49 -28.10 9.98
CA ILE A 115 -18.94 -28.89 8.84
C ILE A 115 -18.69 -30.38 9.09
N GLY A 116 -17.51 -30.69 9.62
CA GLY A 116 -17.20 -32.08 9.92
C GLY A 116 -18.19 -32.66 10.91
N THR A 117 -18.64 -31.84 11.85
CA THR A 117 -19.62 -32.27 12.86
C THR A 117 -20.99 -32.48 12.22
N VAL A 118 -21.37 -31.58 11.31
CA VAL A 118 -22.65 -31.72 10.63
C VAL A 118 -22.62 -33.03 9.84
N LEU A 119 -21.52 -33.22 9.11
CA LEU A 119 -21.34 -34.40 8.29
C LEU A 119 -21.45 -35.68 9.09
N ASP A 120 -20.80 -35.72 10.25
CA ASP A 120 -20.81 -36.90 11.08
C ASP A 120 -22.11 -37.11 11.84
N GLN A 121 -22.86 -36.03 12.11
CA GLN A 121 -24.06 -36.15 12.92
C GLN A 121 -25.45 -35.94 12.32
N ALA A 122 -25.54 -35.25 11.19
CA ALA A 122 -26.82 -34.93 10.57
C ALA A 122 -27.81 -36.09 10.38
N GLU A 123 -27.36 -37.17 9.73
CA GLU A 123 -28.24 -38.31 9.49
C GLU A 123 -28.87 -38.79 10.79
N THR A 124 -28.03 -38.95 11.82
CA THR A 124 -28.51 -39.41 13.12
C THR A 124 -29.50 -38.45 13.78
N ALA A 125 -29.30 -37.15 13.59
CA ALA A 125 -30.18 -36.16 14.18
C ALA A 125 -31.51 -36.02 13.46
N GLY A 126 -31.73 -36.83 12.42
CA GLY A 126 -33.00 -36.79 11.69
C GLY A 126 -33.11 -35.94 10.44
N ALA A 127 -32.00 -35.40 9.93
CA ALA A 127 -32.02 -34.58 8.73
C ALA A 127 -32.02 -35.43 7.46
N ARG A 128 -32.65 -34.94 6.40
CA ARG A 128 -32.67 -35.70 5.16
C ARG A 128 -31.67 -35.18 4.14
N LEU A 129 -31.20 -33.95 4.33
CA LEU A 129 -30.27 -33.35 3.38
C LEU A 129 -29.27 -32.37 3.99
N VAL A 130 -28.02 -32.44 3.54
CA VAL A 130 -26.97 -31.53 3.95
C VAL A 130 -26.49 -30.85 2.67
N VAL A 131 -26.42 -29.52 2.69
CA VAL A 131 -25.98 -28.76 1.53
C VAL A 131 -24.68 -28.01 1.80
N LEU A 132 -23.71 -28.21 0.92
CA LEU A 132 -22.42 -27.55 1.06
C LEU A 132 -22.44 -26.42 0.05
N ALA A 133 -22.72 -25.21 0.53
CA ALA A 133 -22.82 -24.04 -0.35
C ALA A 133 -21.67 -23.00 -0.36
N THR A 134 -21.33 -22.56 -1.56
CA THR A 134 -20.28 -21.55 -1.74
C THR A 134 -20.23 -21.05 -3.18
N ALA A 135 -19.76 -19.82 -3.33
CA ALA A 135 -19.64 -19.21 -4.65
C ALA A 135 -18.26 -19.57 -5.18
N THR A 136 -17.42 -20.09 -4.29
CA THR A 136 -16.05 -20.42 -4.64
C THR A 136 -15.58 -21.83 -4.24
N PRO A 137 -16.01 -22.87 -4.96
CA PRO A 137 -15.62 -24.25 -4.67
C PRO A 137 -14.14 -24.49 -5.00
N PRO A 138 -13.56 -25.58 -4.47
CA PRO A 138 -12.14 -25.85 -4.73
C PRO A 138 -11.75 -25.75 -6.21
N GLY A 139 -10.58 -25.19 -6.46
CA GLY A 139 -10.09 -25.04 -7.83
C GLY A 139 -10.75 -23.98 -8.69
N SER A 140 -11.73 -23.27 -8.14
CA SER A 140 -12.42 -22.25 -8.92
C SER A 140 -11.53 -21.06 -9.25
N VAL A 141 -11.75 -20.47 -10.42
CA VAL A 141 -11.00 -19.30 -10.83
C VAL A 141 -12.01 -18.17 -10.95
N THR A 142 -11.57 -16.96 -10.64
CA THR A 142 -12.43 -15.79 -10.68
C THR A 142 -12.83 -15.42 -12.10
N VAL A 143 -14.12 -15.14 -12.30
CA VAL A 143 -14.63 -14.74 -13.60
C VAL A 143 -15.41 -13.44 -13.45
N PRO A 144 -15.72 -12.78 -14.58
CA PRO A 144 -16.47 -11.51 -14.52
C PRO A 144 -17.79 -11.66 -13.77
N HIS A 145 -18.16 -10.60 -13.05
CA HIS A 145 -19.40 -10.57 -12.31
C HIS A 145 -20.28 -9.49 -12.95
N PRO A 146 -21.47 -9.87 -13.46
CA PRO A 146 -22.40 -8.95 -14.11
C PRO A 146 -22.82 -7.67 -13.38
N ASN A 147 -22.61 -7.58 -12.07
CA ASN A 147 -22.97 -6.38 -11.34
C ASN A 147 -21.74 -5.65 -10.83
N ILE A 148 -20.57 -6.08 -11.27
CA ILE A 148 -19.35 -5.47 -10.77
C ILE A 148 -18.35 -4.97 -11.80
N GLU A 149 -18.10 -3.67 -11.78
CA GLU A 149 -17.14 -3.05 -12.68
C GLU A 149 -15.81 -3.06 -11.91
N GLU A 150 -14.78 -3.63 -12.53
CA GLU A 150 -13.48 -3.71 -11.88
C GLU A 150 -12.55 -2.67 -12.48
N VAL A 151 -11.90 -1.90 -11.61
CA VAL A 151 -10.99 -0.84 -12.04
C VAL A 151 -9.70 -0.85 -11.23
N ALA A 152 -8.57 -0.97 -11.93
CA ALA A 152 -7.28 -1.00 -11.25
C ALA A 152 -6.96 0.35 -10.64
N LEU A 153 -6.34 0.33 -9.47
CA LEU A 153 -5.92 1.55 -8.81
C LEU A 153 -4.61 1.90 -9.51
N SER A 154 -4.16 3.14 -9.36
CA SER A 154 -2.91 3.58 -9.96
C SER A 154 -2.17 4.41 -8.92
N SER A 155 -1.26 5.27 -9.35
CA SER A 155 -0.52 6.11 -8.42
C SER A 155 -1.21 7.47 -8.28
N THR A 156 -2.32 7.63 -8.99
CA THR A 156 -3.08 8.88 -8.93
C THR A 156 -4.06 8.73 -7.78
N GLY A 157 -3.85 9.54 -6.75
CA GLY A 157 -4.70 9.51 -5.56
C GLY A 157 -3.87 10.04 -4.40
N GLU A 158 -4.52 10.58 -3.37
CA GLU A 158 -3.78 11.13 -2.24
C GLU A 158 -3.57 10.17 -1.06
N ILE A 159 -4.27 9.05 -1.08
CA ILE A 159 -4.18 8.05 -0.03
C ILE A 159 -3.32 6.86 -0.45
N PRO A 160 -2.17 6.67 0.21
CA PRO A 160 -1.26 5.55 -0.10
C PRO A 160 -1.97 4.23 0.24
N PHE A 161 -1.89 3.25 -0.64
CA PHE A 161 -2.54 1.97 -0.37
C PHE A 161 -1.80 0.79 -1.00
N TYR A 162 -1.00 0.11 -0.18
CA TYR A 162 -0.24 -1.05 -0.62
C TYR A 162 0.52 -0.89 -1.96
N GLY A 163 1.30 0.17 -2.09
CA GLY A 163 2.06 0.39 -3.33
C GLY A 163 1.30 1.19 -4.37
N LYS A 164 0.00 1.36 -4.14
CA LYS A 164 -0.87 2.11 -5.04
C LYS A 164 -1.45 3.30 -4.29
N ALA A 165 -2.43 3.96 -4.90
CA ALA A 165 -3.07 5.10 -4.27
C ALA A 165 -4.58 5.11 -4.50
N ILE A 166 -5.30 5.62 -3.51
CA ILE A 166 -6.75 5.75 -3.58
C ILE A 166 -7.15 7.22 -3.68
N PRO A 167 -7.95 7.57 -4.70
CA PRO A 167 -8.37 8.95 -4.85
C PRO A 167 -9.50 9.23 -3.84
N ILE A 168 -9.43 10.35 -3.13
CA ILE A 168 -10.47 10.68 -2.17
C ILE A 168 -11.82 10.81 -2.86
N GLU A 169 -11.80 11.29 -4.10
CA GLU A 169 -13.03 11.45 -4.86
C GLU A 169 -13.79 10.15 -5.11
N THR A 170 -13.11 9.00 -4.98
CA THR A 170 -13.79 7.72 -5.22
C THR A 170 -14.47 7.17 -3.96
N ILE A 171 -14.14 7.75 -2.80
CA ILE A 171 -14.72 7.30 -1.53
C ILE A 171 -15.36 8.44 -0.73
N LYS A 172 -15.25 9.67 -1.24
CA LYS A 172 -15.77 10.86 -0.57
C LYS A 172 -17.22 10.69 -0.10
N GLY A 173 -18.11 10.39 -1.04
CA GLY A 173 -19.51 10.17 -0.69
C GLY A 173 -19.86 8.73 -0.98
N GLY A 174 -20.97 8.25 -0.42
CA GLY A 174 -21.37 6.87 -0.65
C GLY A 174 -20.90 5.92 0.44
N ARG A 175 -21.11 4.63 0.22
CA ARG A 175 -20.69 3.60 1.17
C ARG A 175 -19.58 2.76 0.54
N HIS A 176 -18.49 2.57 1.27
CA HIS A 176 -17.37 1.82 0.71
C HIS A 176 -16.69 0.92 1.74
N LEU A 177 -16.22 -0.22 1.26
CA LEU A 177 -15.54 -1.20 2.10
C LEU A 177 -14.11 -1.38 1.61
N ILE A 178 -13.14 -1.16 2.49
CA ILE A 178 -11.74 -1.31 2.13
C ILE A 178 -11.14 -2.46 2.92
N PHE A 179 -10.62 -3.48 2.23
CA PHE A 179 -10.03 -4.60 2.93
C PHE A 179 -8.53 -4.38 3.16
N CYS A 180 -8.09 -4.59 4.40
CA CYS A 180 -6.68 -4.49 4.77
C CYS A 180 -6.34 -5.87 5.33
N HIS A 181 -5.07 -6.26 5.29
CA HIS A 181 -4.67 -7.58 5.76
C HIS A 181 -4.57 -7.76 7.28
N SER A 182 -4.46 -6.67 8.04
CA SER A 182 -4.34 -6.79 9.49
C SER A 182 -5.19 -5.76 10.23
N LYS A 183 -5.42 -6.02 11.52
CA LYS A 183 -6.21 -5.13 12.36
C LYS A 183 -5.48 -3.81 12.59
N LYS A 184 -4.15 -3.88 12.63
CA LYS A 184 -3.33 -2.70 12.84
C LYS A 184 -3.49 -1.79 11.60
N LYS A 185 -3.41 -2.39 10.41
CA LYS A 185 -3.54 -1.62 9.18
C LYS A 185 -4.92 -0.99 9.03
N CYS A 186 -5.94 -1.62 9.62
CA CYS A 186 -7.28 -1.06 9.54
C CYS A 186 -7.33 0.21 10.39
N ASP A 187 -6.84 0.11 11.62
CA ASP A 187 -6.83 1.28 12.49
C ASP A 187 -6.07 2.44 11.84
N GLU A 188 -4.89 2.16 11.27
CA GLU A 188 -4.09 3.20 10.63
C GLU A 188 -4.80 3.89 9.45
N LEU A 189 -5.41 3.12 8.56
CA LEU A 189 -6.09 3.72 7.41
C LEU A 189 -7.33 4.48 7.86
N ALA A 190 -8.08 3.90 8.80
CA ALA A 190 -9.29 4.53 9.30
C ALA A 190 -8.93 5.88 9.92
N ALA A 191 -7.78 5.94 10.58
CA ALA A 191 -7.32 7.16 11.23
C ALA A 191 -7.01 8.25 10.20
N LYS A 192 -6.29 7.87 9.15
CA LYS A 192 -5.94 8.83 8.10
C LYS A 192 -7.18 9.34 7.38
N LEU A 193 -8.12 8.45 7.10
CA LEU A 193 -9.35 8.86 6.42
C LEU A 193 -10.14 9.83 7.29
N SER A 194 -10.22 9.54 8.58
CA SER A 194 -10.95 10.41 9.51
C SER A 194 -10.28 11.77 9.52
N GLY A 195 -8.96 11.76 9.62
CA GLY A 195 -8.20 12.99 9.63
C GLY A 195 -8.48 13.84 8.42
N LEU A 196 -8.71 13.19 7.29
CA LEU A 196 -9.01 13.89 6.04
C LEU A 196 -10.44 14.39 6.03
N GLY A 197 -11.17 14.12 7.12
CA GLY A 197 -12.55 14.56 7.22
C GLY A 197 -13.58 13.59 6.66
N LEU A 198 -13.22 12.32 6.52
CA LEU A 198 -14.14 11.32 6.00
C LEU A 198 -14.74 10.54 7.17
N ASN A 199 -15.84 9.83 6.92
CA ASN A 199 -16.44 9.05 7.99
C ASN A 199 -16.04 7.59 7.85
N ALA A 200 -14.82 7.29 8.29
CA ALA A 200 -14.30 5.94 8.19
C ALA A 200 -14.27 5.27 9.55
N VAL A 201 -14.60 3.99 9.58
CA VAL A 201 -14.59 3.24 10.82
C VAL A 201 -13.91 1.90 10.59
N ALA A 202 -13.21 1.41 11.60
CA ALA A 202 -12.53 0.14 11.50
C ALA A 202 -13.47 -0.93 12.03
N TYR A 203 -13.39 -2.13 11.45
CA TYR A 203 -14.24 -3.23 11.90
C TYR A 203 -13.55 -4.58 11.76
N TYR A 204 -13.35 -5.25 12.89
CA TYR A 204 -12.72 -6.57 12.95
C TYR A 204 -13.10 -7.22 14.28
N ARG A 205 -12.66 -8.47 14.49
CA ARG A 205 -13.00 -9.18 15.72
C ARG A 205 -12.68 -8.37 16.96
N GLY A 206 -13.59 -8.41 17.92
CA GLY A 206 -13.41 -7.66 19.14
C GLY A 206 -14.34 -6.48 19.11
N LEU A 207 -14.73 -6.08 17.90
CA LEU A 207 -15.62 -4.95 17.72
C LEU A 207 -17.04 -5.41 17.40
N ASP A 208 -18.01 -4.58 17.81
CA ASP A 208 -19.42 -4.87 17.60
C ASP A 208 -19.82 -4.38 16.21
N VAL A 209 -20.66 -5.16 15.53
CA VAL A 209 -21.12 -4.80 14.19
C VAL A 209 -21.88 -3.49 14.14
N SER A 210 -22.34 -3.02 15.30
CA SER A 210 -23.09 -1.77 15.34
C SER A 210 -22.21 -0.56 14.98
N VAL A 211 -20.89 -0.74 15.00
CA VAL A 211 -20.01 0.36 14.64
C VAL A 211 -20.26 0.75 13.19
N ILE A 212 -20.89 -0.14 12.44
CA ILE A 212 -21.21 0.13 11.04
C ILE A 212 -22.60 0.73 10.89
N PRO A 213 -22.69 1.95 10.35
CA PRO A 213 -24.04 2.51 10.21
C PRO A 213 -24.76 1.80 9.07
N THR A 214 -25.96 1.31 9.35
CA THR A 214 -26.76 0.59 8.37
C THR A 214 -27.10 1.44 7.15
N SER A 215 -26.96 2.76 7.29
CA SER A 215 -27.25 3.66 6.18
C SER A 215 -26.40 4.92 6.27
N GLY A 216 -26.43 5.74 5.22
CA GLY A 216 -25.65 6.95 5.22
C GLY A 216 -24.24 6.69 4.76
N ASP A 217 -23.53 7.77 4.39
CA ASP A 217 -22.15 7.66 3.92
C ASP A 217 -21.23 7.05 4.95
N VAL A 218 -20.35 6.17 4.48
CA VAL A 218 -19.39 5.54 5.38
C VAL A 218 -18.32 4.77 4.63
N ILE A 219 -17.15 4.67 5.26
CA ILE A 219 -16.04 3.92 4.72
C ILE A 219 -15.65 2.93 5.81
N VAL A 220 -15.88 1.65 5.53
CA VAL A 220 -15.54 0.63 6.50
C VAL A 220 -14.21 0.01 6.10
N VAL A 221 -13.26 -0.01 7.04
CA VAL A 221 -11.95 -0.59 6.80
C VAL A 221 -11.90 -1.86 7.64
N ALA A 222 -11.96 -3.01 6.99
CA ALA A 222 -11.98 -4.26 7.73
C ALA A 222 -11.12 -5.42 7.26
N THR A 223 -11.06 -6.44 8.10
CA THR A 223 -10.34 -7.67 7.80
C THR A 223 -11.40 -8.61 7.24
N ASP A 224 -11.00 -9.83 6.91
CA ASP A 224 -11.91 -10.83 6.31
C ASP A 224 -12.98 -11.52 7.14
N ALA A 225 -12.57 -12.16 8.23
CA ALA A 225 -13.48 -12.91 9.09
C ALA A 225 -14.94 -12.47 9.17
N LEU A 226 -15.20 -11.32 9.80
CA LEU A 226 -16.58 -10.87 9.94
C LEU A 226 -17.27 -10.52 8.63
N MET A 227 -16.48 -10.23 7.61
CA MET A 227 -17.03 -9.86 6.32
C MET A 227 -17.49 -11.03 5.45
N THR A 228 -17.28 -12.26 5.91
CA THR A 228 -17.70 -13.45 5.15
C THR A 228 -19.22 -13.51 4.99
N GLY A 229 -19.68 -13.57 3.75
CA GLY A 229 -21.10 -13.62 3.47
C GLY A 229 -21.92 -12.40 3.89
N PHE A 230 -21.22 -11.31 4.18
CA PHE A 230 -21.81 -10.05 4.65
C PHE A 230 -22.33 -9.11 3.55
N THR A 231 -23.46 -8.45 3.81
CA THR A 231 -24.03 -7.48 2.89
C THR A 231 -24.03 -6.13 3.61
N GLY A 232 -23.21 -5.20 3.14
CA GLY A 232 -23.15 -3.90 3.78
C GLY A 232 -23.67 -2.77 2.90
N ASP A 233 -24.27 -3.13 1.76
CA ASP A 233 -24.80 -2.16 0.81
C ASP A 233 -23.69 -1.15 0.47
N PHE A 234 -22.60 -1.69 -0.06
CA PHE A 234 -21.44 -0.89 -0.43
C PHE A 234 -21.42 -0.52 -1.90
N ASP A 235 -21.18 0.76 -2.17
CA ASP A 235 -21.11 1.24 -3.55
C ASP A 235 -19.83 0.71 -4.20
N SER A 236 -18.82 0.44 -3.39
CA SER A 236 -17.58 -0.10 -3.92
C SER A 236 -16.76 -0.86 -2.90
N VAL A 237 -15.84 -1.69 -3.40
CA VAL A 237 -14.92 -2.46 -2.57
C VAL A 237 -13.50 -2.14 -3.04
N ILE A 238 -12.60 -1.87 -2.11
CA ILE A 238 -11.22 -1.60 -2.45
C ILE A 238 -10.39 -2.68 -1.77
N ASP A 239 -9.68 -3.47 -2.57
CA ASP A 239 -8.93 -4.62 -2.06
C ASP A 239 -7.40 -4.55 -2.15
N CYS A 240 -6.74 -4.69 -1.01
CA CYS A 240 -5.28 -4.68 -0.97
C CYS A 240 -4.73 -5.92 -1.64
N ASN A 241 -5.61 -6.86 -1.98
CA ASN A 241 -5.23 -8.11 -2.64
C ASN A 241 -4.09 -8.79 -1.85
N THR A 242 -4.18 -8.75 -0.54
CA THR A 242 -3.16 -9.35 0.29
C THR A 242 -3.79 -10.10 1.46
N CYS A 243 -3.23 -11.26 1.77
CA CYS A 243 -3.74 -12.09 2.86
C CYS A 243 -2.64 -12.39 3.87
N VAL A 244 -3.02 -13.08 4.94
CA VAL A 244 -2.08 -13.45 5.99
C VAL A 244 -2.30 -14.92 6.27
N THR A 245 -1.34 -15.75 5.86
CA THR A 245 -1.46 -17.18 6.08
C THR A 245 -0.63 -17.67 7.26
N GLN A 246 -1.13 -18.71 7.91
CA GLN A 246 -0.48 -19.31 9.04
C GLN A 246 0.10 -20.64 8.58
N THR A 247 1.31 -20.95 9.02
CA THR A 247 1.94 -22.20 8.62
C THR A 247 2.72 -22.82 9.77
N VAL A 248 2.75 -24.14 9.80
CA VAL A 248 3.46 -24.87 10.81
C VAL A 248 4.77 -25.33 10.18
N ASP A 249 5.86 -25.17 10.92
CA ASP A 249 7.19 -25.57 10.48
C ASP A 249 7.74 -26.59 11.47
N PHE A 250 8.02 -27.79 10.99
CA PHE A 250 8.58 -28.81 11.88
C PHE A 250 10.07 -28.56 11.91
N SER A 251 10.42 -27.44 12.53
CA SER A 251 11.81 -26.99 12.66
C SER A 251 12.69 -27.80 13.59
N LEU A 252 12.13 -28.81 14.25
CA LEU A 252 12.90 -29.66 15.15
C LEU A 252 13.80 -28.89 16.11
N ASP A 253 13.26 -27.82 16.71
CA ASP A 253 14.05 -27.00 17.62
C ASP A 253 13.25 -26.57 18.84
N PRO A 254 12.79 -27.53 19.66
CA PRO A 254 12.99 -28.97 19.52
C PRO A 254 11.89 -29.69 18.74
N THR A 255 10.73 -29.06 18.58
CA THR A 255 9.62 -29.68 17.89
C THR A 255 9.16 -28.98 16.63
N PHE A 256 8.10 -28.18 16.76
CA PHE A 256 7.57 -27.45 15.61
C PHE A 256 7.41 -25.97 15.93
N THR A 257 7.16 -25.20 14.89
CA THR A 257 6.98 -23.77 15.05
C THR A 257 5.77 -23.34 14.25
N ILE A 258 4.97 -22.45 14.83
CA ILE A 258 3.80 -21.92 14.17
C ILE A 258 4.00 -20.42 14.02
N GLU A 259 3.99 -19.93 12.79
CA GLU A 259 4.15 -18.50 12.59
C GLU A 259 3.24 -18.01 11.48
N THR A 260 3.19 -16.70 11.31
CA THR A 260 2.33 -16.11 10.30
C THR A 260 3.13 -15.28 9.30
N THR A 261 2.64 -15.23 8.07
CA THR A 261 3.28 -14.45 7.02
C THR A 261 2.22 -13.82 6.10
N THR A 262 2.63 -12.74 5.44
CA THR A 262 1.78 -11.99 4.52
C THR A 262 2.02 -12.53 3.11
N VAL A 263 0.94 -12.87 2.41
CA VAL A 263 1.04 -13.44 1.06
C VAL A 263 -0.01 -12.88 0.09
N PRO A 264 0.26 -12.96 -1.23
CA PRO A 264 -0.73 -12.46 -2.19
C PRO A 264 -1.98 -13.33 -2.10
N GLN A 265 -3.15 -12.73 -2.31
CA GLN A 265 -4.41 -13.46 -2.19
C GLN A 265 -4.65 -14.52 -3.26
N ASP A 266 -5.46 -15.51 -2.93
CA ASP A 266 -5.80 -16.57 -3.85
C ASP A 266 -7.13 -16.24 -4.53
N ALA A 267 -7.57 -17.10 -5.43
CA ALA A 267 -8.81 -16.88 -6.17
C ALA A 267 -10.03 -16.81 -5.27
N VAL A 268 -10.05 -17.64 -4.23
CA VAL A 268 -11.18 -17.65 -3.31
C VAL A 268 -11.35 -16.29 -2.66
N SER A 269 -10.26 -15.77 -2.11
CA SER A 269 -10.28 -14.47 -1.45
C SER A 269 -10.69 -13.33 -2.38
N ARG A 270 -10.11 -13.29 -3.58
CA ARG A 270 -10.42 -12.23 -4.53
C ARG A 270 -11.92 -12.20 -4.86
N SER A 271 -12.48 -13.35 -5.23
CA SER A 271 -13.89 -13.43 -5.56
C SER A 271 -14.81 -13.05 -4.41
N GLN A 272 -14.49 -13.53 -3.21
CA GLN A 272 -15.31 -13.26 -2.02
C GLN A 272 -15.29 -11.79 -1.60
N ARG A 273 -14.10 -11.18 -1.56
CA ARG A 273 -14.00 -9.77 -1.18
C ARG A 273 -14.68 -8.90 -2.24
N ARG A 274 -14.44 -9.21 -3.51
CA ARG A 274 -15.05 -8.45 -4.59
C ARG A 274 -16.58 -8.51 -4.44
N GLY A 275 -17.07 -9.67 -4.03
CA GLY A 275 -18.50 -9.89 -3.86
C GLY A 275 -19.21 -9.15 -2.74
N ARG A 276 -18.50 -8.30 -1.99
CA ARG A 276 -19.15 -7.54 -0.94
C ARG A 276 -19.92 -6.39 -1.60
N THR A 277 -19.59 -6.10 -2.87
CA THR A 277 -20.29 -5.04 -3.62
C THR A 277 -21.01 -5.65 -4.81
N GLY A 278 -21.87 -4.88 -5.48
CA GLY A 278 -22.60 -5.42 -6.61
C GLY A 278 -23.62 -6.47 -6.16
N ARG A 279 -24.24 -6.24 -5.00
CA ARG A 279 -25.21 -7.18 -4.44
C ARG A 279 -26.65 -6.70 -4.65
N GLY A 280 -27.26 -7.10 -5.76
CA GLY A 280 -28.62 -6.69 -6.05
C GLY A 280 -28.64 -5.40 -6.84
N ARG A 281 -27.46 -4.84 -7.07
CA ARG A 281 -27.32 -3.61 -7.85
C ARG A 281 -25.89 -3.50 -8.32
N MET A 282 -25.62 -2.47 -9.13
CA MET A 282 -24.30 -2.22 -9.68
C MET A 282 -23.29 -1.80 -8.62
N GLY A 283 -22.04 -2.24 -8.78
CA GLY A 283 -21.00 -1.90 -7.83
C GLY A 283 -19.63 -1.77 -8.49
N ILE A 284 -18.65 -1.28 -7.74
CA ILE A 284 -17.31 -1.11 -8.27
C ILE A 284 -16.24 -1.77 -7.41
N TYR A 285 -15.30 -2.44 -8.05
CA TYR A 285 -14.22 -3.13 -7.36
C TYR A 285 -12.87 -2.57 -7.81
N ARG A 286 -12.14 -1.98 -6.86
CA ARG A 286 -10.82 -1.43 -7.16
C ARG A 286 -9.75 -2.31 -6.52
N PHE A 287 -8.69 -2.58 -7.26
CA PHE A 287 -7.62 -3.45 -6.77
C PHE A 287 -6.20 -2.92 -6.93
N VAL A 288 -5.29 -3.43 -6.10
CA VAL A 288 -3.89 -3.05 -6.14
C VAL A 288 -3.10 -3.92 -7.12
N THR A 289 -3.42 -5.21 -7.18
CA THR A 289 -2.75 -6.12 -8.08
C THR A 289 -3.75 -6.93 -8.90
N PRO A 290 -3.38 -7.28 -10.13
CA PRO A 290 -4.23 -8.08 -11.01
C PRO A 290 -4.06 -9.55 -10.69
N GLY A 291 -4.45 -10.40 -11.62
CA GLY A 291 -4.29 -11.84 -11.42
C GLY A 291 -4.68 -12.34 -10.05
N GLU A 292 -4.12 -13.49 -9.67
CA GLU A 292 -4.43 -14.11 -8.39
C GLU A 292 -3.70 -15.44 -8.24
N ARG A 293 -3.51 -15.86 -7.00
CA ARG A 293 -2.85 -17.13 -6.71
C ARG A 293 -3.90 -18.23 -6.79
N PRO A 294 -3.50 -19.44 -7.23
CA PRO A 294 -4.45 -20.55 -7.33
C PRO A 294 -5.01 -20.94 -5.96
N SER A 295 -6.26 -21.36 -5.90
CA SER A 295 -6.86 -21.77 -4.63
C SER A 295 -6.62 -23.26 -4.41
N GLY A 296 -5.66 -23.59 -3.55
CA GLY A 296 -5.35 -24.98 -3.29
C GLY A 296 -5.65 -25.51 -1.89
N MET A 297 -4.75 -26.34 -1.37
CA MET A 297 -4.91 -26.96 -0.05
C MET A 297 -4.64 -25.98 1.10
N PHE A 298 -5.27 -26.22 2.24
CA PHE A 298 -4.99 -25.37 3.40
C PHE A 298 -3.88 -26.03 4.21
N ASP A 299 -3.23 -25.26 5.07
CA ASP A 299 -2.10 -25.76 5.85
C ASP A 299 -2.45 -26.70 7.01
N SER A 300 -1.47 -27.52 7.38
CA SER A 300 -1.61 -28.48 8.46
C SER A 300 -1.77 -27.76 9.81
N SER A 301 -1.37 -26.50 9.87
CA SER A 301 -1.51 -25.77 11.13
C SER A 301 -2.99 -25.60 11.44
N VAL A 302 -3.83 -25.55 10.40
CA VAL A 302 -5.26 -25.40 10.63
C VAL A 302 -5.77 -26.63 11.37
N LEU A 303 -5.30 -27.82 10.97
CA LEU A 303 -5.71 -29.05 11.65
C LEU A 303 -5.33 -28.95 13.13
N CYS A 304 -4.12 -28.50 13.40
CA CYS A 304 -3.65 -28.32 14.79
C CYS A 304 -4.62 -27.38 15.52
N GLU A 305 -5.08 -26.37 14.80
CA GLU A 305 -6.00 -25.40 15.37
C GLU A 305 -7.36 -26.05 15.71
N CYS A 306 -7.78 -27.01 14.89
CA CYS A 306 -9.04 -27.68 15.15
C CYS A 306 -8.99 -28.46 16.46
N TYR A 307 -7.89 -29.18 16.68
CA TYR A 307 -7.74 -29.93 17.91
C TYR A 307 -7.63 -28.97 19.09
N ASP A 308 -6.99 -27.82 18.87
CA ASP A 308 -6.84 -26.84 19.95
C ASP A 308 -8.23 -26.32 20.37
N ALA A 309 -9.05 -25.96 19.39
CA ALA A 309 -10.39 -25.46 19.66
C ALA A 309 -11.25 -26.55 20.27
N GLY A 310 -11.09 -27.76 19.78
CA GLY A 310 -11.86 -28.87 20.30
C GLY A 310 -11.63 -29.04 21.79
N CYS A 311 -10.35 -28.97 22.18
CA CYS A 311 -9.97 -29.11 23.58
C CYS A 311 -10.31 -27.90 24.45
N ALA A 312 -10.14 -26.70 23.91
CA ALA A 312 -10.39 -25.48 24.66
C ALA A 312 -11.83 -24.97 24.72
N TRP A 313 -12.56 -25.03 23.61
CA TRP A 313 -13.92 -24.51 23.58
C TRP A 313 -15.09 -25.48 23.50
N TYR A 314 -14.89 -26.59 22.80
CA TYR A 314 -16.00 -27.49 22.58
C TYR A 314 -16.07 -28.82 23.32
N GLU A 315 -15.16 -29.03 24.27
CA GLU A 315 -15.17 -30.25 25.05
C GLU A 315 -15.06 -31.49 24.18
N LEU A 316 -14.19 -31.42 23.18
CA LEU A 316 -13.97 -32.53 22.28
C LEU A 316 -12.64 -33.19 22.60
N THR A 317 -12.65 -34.49 22.87
CA THR A 317 -11.41 -35.21 23.12
C THR A 317 -10.72 -35.25 21.75
N PRO A 318 -9.41 -35.51 21.72
CA PRO A 318 -8.75 -35.55 20.41
C PRO A 318 -9.35 -36.61 19.48
N ALA A 319 -9.85 -37.69 20.06
CA ALA A 319 -10.45 -38.78 19.27
C ALA A 319 -11.75 -38.33 18.62
N GLU A 320 -12.52 -37.52 19.35
CA GLU A 320 -13.79 -37.01 18.84
C GLU A 320 -13.52 -36.01 17.71
N THR A 321 -12.46 -35.22 17.87
CA THR A 321 -12.09 -34.26 16.85
C THR A 321 -11.66 -34.98 15.58
N SER A 322 -10.91 -36.07 15.72
CA SER A 322 -10.45 -36.85 14.58
C SER A 322 -11.64 -37.42 13.79
N VAL A 323 -12.66 -37.88 14.51
CA VAL A 323 -13.85 -38.45 13.86
C VAL A 323 -14.50 -37.38 12.98
N ARG A 324 -14.65 -36.20 13.55
CA ARG A 324 -15.28 -35.11 12.83
C ARG A 324 -14.43 -34.64 11.67
N LEU A 325 -13.11 -34.54 11.88
CA LEU A 325 -12.24 -34.08 10.80
C LEU A 325 -12.14 -35.12 9.68
N ARG A 326 -12.23 -36.40 10.04
CA ARG A 326 -12.17 -37.45 9.03
C ARG A 326 -13.38 -37.36 8.12
N ALA A 327 -14.54 -37.03 8.69
CA ALA A 327 -15.77 -36.91 7.89
C ALA A 327 -15.55 -35.79 6.89
N TYR A 328 -15.00 -34.68 7.38
CA TYR A 328 -14.74 -33.52 6.52
C TYR A 328 -13.77 -33.84 5.39
N LEU A 329 -12.67 -34.51 5.69
CA LEU A 329 -11.69 -34.83 4.67
C LEU A 329 -12.10 -35.96 3.72
N ASN A 330 -13.13 -36.73 4.07
CA ASN A 330 -13.57 -37.80 3.18
C ASN A 330 -14.80 -37.42 2.39
N THR A 331 -15.14 -36.14 2.40
CA THR A 331 -16.29 -35.63 1.67
C THR A 331 -15.78 -34.81 0.47
N PRO A 332 -16.12 -35.25 -0.75
CA PRO A 332 -15.69 -34.58 -1.99
C PRO A 332 -16.22 -33.14 -2.11
N GLY A 333 -15.52 -32.33 -2.89
CA GLY A 333 -15.94 -30.95 -3.09
C GLY A 333 -15.63 -29.94 -2.00
N LEU A 334 -14.76 -30.31 -1.05
CA LEU A 334 -14.40 -29.39 0.04
C LEU A 334 -12.91 -29.09 0.05
N PRO A 335 -12.49 -28.02 0.73
CA PRO A 335 -11.06 -27.70 0.76
C PRO A 335 -10.31 -28.91 1.31
N VAL A 336 -9.10 -29.16 0.81
CA VAL A 336 -8.33 -30.31 1.27
C VAL A 336 -6.98 -29.92 1.87
N CYS A 337 -6.42 -30.81 2.67
CA CYS A 337 -5.11 -30.60 3.30
C CYS A 337 -4.48 -31.97 3.54
N GLN A 338 -3.18 -31.99 3.76
CA GLN A 338 -2.49 -33.24 4.03
C GLN A 338 -3.07 -33.94 5.26
N ASP A 339 -3.16 -35.26 5.19
CA ASP A 339 -3.70 -36.05 6.29
C ASP A 339 -2.72 -36.17 7.47
N HIS A 340 -2.87 -35.29 8.45
CA HIS A 340 -2.00 -35.31 9.62
C HIS A 340 -2.83 -35.47 10.90
N LEU A 341 -3.99 -36.12 10.78
CA LEU A 341 -4.87 -36.30 11.93
C LEU A 341 -4.26 -37.15 13.03
N GLU A 342 -3.74 -38.32 12.67
CA GLU A 342 -3.12 -39.20 13.64
C GLU A 342 -2.07 -38.41 14.42
N PHE A 343 -1.21 -37.70 13.70
CA PHE A 343 -0.16 -36.90 14.34
C PHE A 343 -0.67 -35.89 15.36
N TRP A 344 -1.47 -34.93 14.91
CA TRP A 344 -1.99 -33.92 15.82
C TRP A 344 -2.80 -34.55 16.94
N GLU A 345 -3.51 -35.63 16.65
CA GLU A 345 -4.30 -36.30 17.69
C GLU A 345 -3.37 -36.81 18.79
N SER A 346 -2.27 -37.45 18.39
CA SER A 346 -1.32 -37.98 19.36
C SER A 346 -0.69 -36.85 20.18
N VAL A 347 -0.38 -35.73 19.52
CA VAL A 347 0.21 -34.61 20.25
C VAL A 347 -0.72 -34.13 21.34
N PHE A 348 -1.95 -33.76 20.99
CA PHE A 348 -2.87 -33.27 22.00
C PHE A 348 -3.24 -34.33 23.05
N THR A 349 -3.27 -35.60 22.66
CA THR A 349 -3.62 -36.67 23.61
C THR A 349 -2.67 -36.65 24.82
N GLY A 350 -1.43 -36.24 24.59
CA GLY A 350 -0.46 -36.19 25.67
C GLY A 350 -0.42 -34.91 26.48
N LEU A 351 -1.23 -33.91 26.12
CA LEU A 351 -1.26 -32.65 26.84
C LEU A 351 -2.41 -32.69 27.86
N THR A 352 -2.19 -33.43 28.94
CA THR A 352 -3.22 -33.58 29.95
C THR A 352 -3.08 -32.69 31.16
N HIS A 353 -4.17 -32.57 31.92
CA HIS A 353 -4.21 -31.79 33.13
C HIS A 353 -3.71 -30.36 32.94
N ILE A 354 -4.38 -29.63 32.07
CA ILE A 354 -3.99 -28.25 31.82
C ILE A 354 -4.58 -27.38 32.93
N ASP A 355 -3.87 -26.30 33.27
CA ASP A 355 -4.33 -25.40 34.31
C ASP A 355 -5.58 -24.70 33.80
N ALA A 356 -6.73 -25.06 34.37
CA ALA A 356 -8.01 -24.49 33.96
C ALA A 356 -8.06 -22.98 34.01
N HIS A 357 -7.37 -22.38 34.98
CA HIS A 357 -7.37 -20.92 35.08
C HIS A 357 -6.61 -20.29 33.92
N PHE A 358 -5.43 -20.82 33.63
CA PHE A 358 -4.62 -20.30 32.53
C PHE A 358 -5.37 -20.44 31.19
N LEU A 359 -6.02 -21.57 30.98
CA LEU A 359 -6.76 -21.83 29.75
C LEU A 359 -7.88 -20.82 29.60
N SER A 360 -8.59 -20.56 30.71
CA SER A 360 -9.68 -19.60 30.70
C SER A 360 -9.16 -18.22 30.29
N GLN A 361 -7.95 -17.91 30.74
CA GLN A 361 -7.33 -16.63 30.41
C GLN A 361 -6.93 -16.52 28.95
N THR A 362 -6.24 -17.53 28.42
CA THR A 362 -5.84 -17.46 27.02
C THR A 362 -7.08 -17.49 26.12
N LYS A 363 -8.16 -18.12 26.58
CA LYS A 363 -9.39 -18.16 25.80
C LYS A 363 -10.00 -16.76 25.80
N GLN A 364 -10.07 -16.15 26.97
CA GLN A 364 -10.64 -14.82 27.09
C GLN A 364 -9.79 -13.79 26.33
N ALA A 365 -8.48 -14.04 26.27
CA ALA A 365 -7.57 -13.13 25.58
C ALA A 365 -7.74 -13.18 24.07
N GLY A 366 -8.34 -14.25 23.55
CA GLY A 366 -8.53 -14.36 22.11
C GLY A 366 -7.28 -14.80 21.36
N ASP A 367 -6.36 -15.49 22.04
CA ASP A 367 -5.14 -15.98 21.39
C ASP A 367 -5.52 -17.02 20.33
N ASN A 368 -4.63 -17.24 19.35
CA ASN A 368 -4.88 -18.20 18.26
C ASN A 368 -4.96 -19.69 18.63
N PHE A 369 -4.10 -20.11 19.55
CA PHE A 369 -4.06 -21.49 20.02
C PHE A 369 -4.13 -21.42 21.53
N PRO A 370 -5.27 -20.97 22.09
CA PRO A 370 -5.40 -20.86 23.55
C PRO A 370 -4.98 -22.11 24.32
N TYR A 371 -5.15 -23.28 23.73
CA TYR A 371 -4.76 -24.50 24.44
C TYR A 371 -3.26 -24.73 24.50
N LEU A 372 -2.56 -24.60 23.37
CA LEU A 372 -1.12 -24.79 23.37
C LEU A 372 -0.45 -23.70 24.23
N VAL A 373 -0.94 -22.47 24.14
CA VAL A 373 -0.40 -21.38 24.94
C VAL A 373 -0.57 -21.71 26.42
N ALA A 374 -1.80 -21.96 26.85
CA ALA A 374 -2.10 -22.28 28.24
C ALA A 374 -1.34 -23.51 28.74
N TYR A 375 -1.14 -24.49 27.86
CA TYR A 375 -0.42 -25.70 28.27
C TYR A 375 1.07 -25.41 28.49
N GLN A 376 1.64 -24.56 27.65
CA GLN A 376 3.05 -24.22 27.82
C GLN A 376 3.22 -23.50 29.16
N ALA A 377 2.27 -22.63 29.49
CA ALA A 377 2.33 -21.89 30.74
C ALA A 377 2.17 -22.87 31.90
N THR A 378 1.30 -23.85 31.72
CA THR A 378 1.07 -24.87 32.74
C THR A 378 2.41 -25.57 33.02
N VAL A 379 3.09 -25.99 31.96
CA VAL A 379 4.38 -26.66 32.07
C VAL A 379 5.41 -25.75 32.77
N CYS A 380 5.33 -24.46 32.50
CA CYS A 380 6.25 -23.50 33.12
C CYS A 380 6.01 -23.38 34.62
N ALA A 381 4.76 -23.16 34.99
CA ALA A 381 4.41 -23.01 36.40
C ALA A 381 4.83 -24.27 37.16
N ARG A 382 4.50 -25.43 36.60
CA ARG A 382 4.83 -26.71 37.22
C ARG A 382 6.34 -26.93 37.43
N ALA A 383 7.16 -26.41 36.52
CA ALA A 383 8.60 -26.55 36.65
C ALA A 383 9.18 -25.28 37.27
N GLN A 384 8.29 -24.38 37.68
CA GLN A 384 8.70 -23.09 38.27
C GLN A 384 9.73 -22.40 37.39
N ALA A 385 9.52 -22.48 36.08
CA ALA A 385 10.42 -21.87 35.12
C ALA A 385 9.70 -20.71 34.44
N PRO A 386 10.45 -19.77 33.86
CA PRO A 386 9.85 -18.64 33.17
C PRO A 386 9.37 -18.99 31.76
N PRO A 387 8.38 -18.24 31.24
CA PRO A 387 7.85 -18.48 29.89
C PRO A 387 8.89 -18.09 28.84
N PRO A 388 8.69 -18.51 27.58
CA PRO A 388 9.63 -18.20 26.49
C PRO A 388 10.02 -16.73 26.46
N SER A 389 9.10 -15.87 26.85
CA SER A 389 9.33 -14.43 26.87
C SER A 389 8.20 -13.85 27.70
N TRP A 390 8.14 -12.54 27.80
CA TRP A 390 7.09 -11.90 28.57
C TRP A 390 6.16 -11.10 27.68
N ASP A 391 5.91 -11.65 26.50
CA ASP A 391 5.01 -11.10 25.50
C ASP A 391 3.63 -11.27 26.15
N GLN A 392 2.64 -10.49 25.71
CA GLN A 392 1.31 -10.59 26.30
C GLN A 392 0.72 -11.99 26.23
N MET A 393 1.29 -12.81 25.34
CA MET A 393 0.84 -14.19 25.18
C MET A 393 0.99 -14.97 26.48
N TRP A 394 1.98 -14.59 27.29
CA TRP A 394 2.28 -15.26 28.54
C TRP A 394 1.88 -14.51 29.80
N LYS A 395 0.97 -13.56 29.65
CA LYS A 395 0.55 -12.75 30.79
C LYS A 395 -0.13 -13.47 31.94
N CYS A 396 -0.62 -14.68 31.73
CA CYS A 396 -1.27 -15.39 32.83
C CYS A 396 -0.27 -15.84 33.89
N LEU A 397 1.01 -15.64 33.61
CA LEU A 397 2.08 -16.02 34.54
C LEU A 397 2.71 -14.83 35.28
N ILE A 398 2.23 -13.63 34.99
CA ILE A 398 2.81 -12.43 35.61
C ILE A 398 2.92 -12.45 37.12
N ARG A 399 1.85 -12.83 37.81
CA ARG A 399 1.87 -12.87 39.28
C ARG A 399 2.91 -13.83 39.84
N LEU A 400 3.28 -14.84 39.05
CA LEU A 400 4.27 -15.83 39.48
C LEU A 400 5.68 -15.41 39.12
N LYS A 401 5.79 -14.37 38.32
CA LYS A 401 7.07 -13.88 37.84
C LYS A 401 8.25 -13.87 38.82
N PRO A 402 8.03 -13.45 40.07
CA PRO A 402 9.16 -13.44 41.01
C PRO A 402 9.68 -14.84 41.39
N THR A 403 8.88 -15.86 41.14
CA THR A 403 9.26 -17.23 41.48
C THR A 403 9.69 -18.09 40.31
N LEU A 404 9.78 -17.51 39.12
CA LEU A 404 10.17 -18.29 37.95
C LEU A 404 11.63 -18.06 37.58
N HIS A 405 12.42 -19.12 37.64
CA HIS A 405 13.84 -19.02 37.33
C HIS A 405 14.35 -20.18 36.49
N GLY A 406 15.46 -19.97 35.78
CA GLY A 406 16.04 -21.02 34.97
C GLY A 406 15.56 -21.05 33.53
N PRO A 407 15.98 -22.07 32.76
CA PRO A 407 15.59 -22.22 31.35
C PRO A 407 14.09 -22.48 31.18
N THR A 408 13.60 -22.30 29.96
CA THR A 408 12.19 -22.52 29.68
C THR A 408 11.99 -23.91 29.10
N PRO A 409 11.06 -24.69 29.68
CA PRO A 409 10.79 -26.04 29.17
C PRO A 409 9.99 -25.84 27.88
N LEU A 410 10.69 -25.54 26.78
CA LEU A 410 10.04 -25.27 25.50
C LEU A 410 9.42 -26.50 24.83
N LEU A 411 8.09 -26.46 24.67
CA LEU A 411 7.34 -27.56 24.06
C LEU A 411 7.29 -27.41 22.55
N TYR A 412 7.15 -26.17 22.13
CA TYR A 412 7.05 -25.81 20.72
C TYR A 412 7.21 -24.30 20.68
N ARG A 413 7.26 -23.71 19.49
CA ARG A 413 7.43 -22.28 19.36
C ARG A 413 6.20 -21.60 18.75
N LEU A 414 5.61 -20.68 19.51
CA LEU A 414 4.42 -19.97 19.05
C LEU A 414 4.71 -18.50 18.86
N GLY A 415 5.97 -18.13 19.10
CA GLY A 415 6.42 -16.76 18.95
C GLY A 415 7.90 -16.68 19.24
N ALA A 416 8.44 -15.46 19.30
CA ALA A 416 9.87 -15.29 19.56
C ALA A 416 10.20 -15.80 20.96
N VAL A 417 11.37 -16.42 21.08
CA VAL A 417 11.83 -16.95 22.36
C VAL A 417 13.00 -16.09 22.82
N GLN A 418 12.95 -15.63 24.07
CA GLN A 418 14.01 -14.80 24.58
C GLN A 418 14.83 -15.48 25.67
N ASN A 419 14.15 -16.22 26.56
CA ASN A 419 14.84 -16.90 27.64
C ASN A 419 15.59 -18.13 27.16
N GLU A 420 16.59 -18.55 27.93
CA GLU A 420 17.35 -19.74 27.59
C GLU A 420 16.37 -20.90 27.57
N VAL A 421 16.61 -21.86 26.68
CA VAL A 421 15.73 -23.01 26.51
C VAL A 421 16.31 -24.36 26.94
N THR A 422 15.43 -25.26 27.36
CA THR A 422 15.80 -26.62 27.76
C THR A 422 14.84 -27.56 27.05
N THR A 423 15.36 -28.66 26.52
CA THR A 423 14.53 -29.63 25.80
C THR A 423 14.52 -31.01 26.42
N THR A 424 14.60 -31.07 27.75
CA THR A 424 14.61 -32.36 28.43
C THR A 424 13.31 -32.69 29.14
N HIS A 425 12.35 -31.76 29.09
CA HIS A 425 11.06 -31.98 29.74
C HIS A 425 10.30 -33.11 29.04
N PRO A 426 9.64 -33.98 29.82
CA PRO A 426 8.87 -35.11 29.28
C PRO A 426 7.94 -34.72 28.14
N ILE A 427 7.09 -33.72 28.37
CA ILE A 427 6.14 -33.28 27.36
C ILE A 427 6.86 -32.97 26.06
N THR A 428 8.02 -32.33 26.14
CA THR A 428 8.81 -32.01 24.95
C THR A 428 9.25 -33.32 24.30
N LYS A 429 9.74 -34.24 25.10
CA LYS A 429 10.19 -35.53 24.59
C LYS A 429 9.01 -36.25 23.94
N TYR A 430 7.85 -36.19 24.60
CA TYR A 430 6.65 -36.83 24.08
C TYR A 430 6.30 -36.29 22.69
N ILE A 431 6.27 -34.96 22.54
CA ILE A 431 5.95 -34.36 21.26
C ILE A 431 6.96 -34.78 20.22
N MET A 432 8.23 -34.83 20.60
CA MET A 432 9.28 -35.25 19.68
C MET A 432 9.01 -36.68 19.26
N ALA A 433 8.57 -37.51 20.20
CA ALA A 433 8.27 -38.90 19.89
C ALA A 433 7.15 -38.97 18.84
N CYS A 434 6.13 -38.12 19.01
CA CYS A 434 5.02 -38.09 18.07
C CYS A 434 5.55 -37.75 16.69
N MET A 435 6.47 -36.79 16.66
CA MET A 435 7.07 -36.36 15.40
C MET A 435 8.00 -37.42 14.80
N SER A 436 8.67 -38.19 15.66
CA SER A 436 9.61 -39.23 15.20
C SER A 436 8.94 -40.42 14.53
N ALA A 437 8.31 -41.27 15.33
CA ALA A 437 7.63 -42.46 14.84
C ALA A 437 6.42 -42.09 14.01
N PHE B 9 33.28 36.99 1.41
CA PHE B 9 32.29 35.97 0.97
C PHE B 9 31.05 35.95 1.87
N GLN B 10 29.87 35.94 1.25
CA GLN B 10 28.60 35.91 1.97
C GLN B 10 27.52 35.25 1.12
N VAL B 11 26.46 34.79 1.78
CA VAL B 11 25.34 34.14 1.09
C VAL B 11 24.07 34.96 1.29
N ALA B 12 23.68 35.69 0.26
CA ALA B 12 22.49 36.53 0.34
C ALA B 12 21.30 35.91 -0.39
N HIS B 13 20.13 36.50 -0.16
CA HIS B 13 18.90 36.03 -0.78
C HIS B 13 18.33 37.07 -1.73
N LEU B 14 17.47 36.62 -2.64
CA LEU B 14 16.84 37.50 -3.61
C LEU B 14 15.41 37.03 -3.79
N HIS B 15 14.45 37.80 -3.27
CA HIS B 15 13.05 37.44 -3.37
C HIS B 15 12.27 38.47 -4.18
N ALA B 16 11.70 38.03 -5.29
CA ALA B 16 10.91 38.92 -6.13
C ALA B 16 9.89 38.09 -6.89
N PRO B 17 8.72 38.67 -7.19
CA PRO B 17 7.63 38.01 -7.93
C PRO B 17 8.10 37.32 -9.21
N THR B 18 7.32 36.33 -9.66
CA THR B 18 7.67 35.61 -10.87
C THR B 18 7.75 36.58 -12.04
N GLY B 19 8.72 36.37 -12.92
CA GLY B 19 8.89 37.23 -14.08
C GLY B 19 9.43 38.62 -13.82
N SER B 20 9.73 38.93 -12.57
CA SER B 20 10.26 40.25 -12.21
C SER B 20 11.62 40.57 -12.83
N GLY B 21 12.45 39.54 -13.02
CA GLY B 21 13.76 39.75 -13.61
C GLY B 21 14.93 39.25 -12.79
N LYS B 22 14.68 38.25 -11.94
CA LYS B 22 15.73 37.70 -11.10
C LYS B 22 16.84 37.01 -11.92
N SER B 23 16.47 36.32 -12.98
CA SER B 23 17.43 35.61 -13.81
C SER B 23 17.99 36.40 -15.00
N THR B 24 17.69 37.69 -15.07
CA THR B 24 18.17 38.49 -16.17
C THR B 24 18.57 39.91 -15.77
N LYS B 25 17.63 40.64 -15.17
CA LYS B 25 17.89 42.00 -14.75
C LYS B 25 18.82 42.08 -13.54
N VAL B 26 18.76 41.07 -12.67
CA VAL B 26 19.62 41.05 -11.48
C VAL B 26 21.07 40.71 -11.85
N PRO B 27 21.28 39.64 -12.66
CA PRO B 27 22.63 39.25 -13.06
C PRO B 27 23.21 40.19 -14.12
N ALA B 28 22.36 41.09 -14.62
CA ALA B 28 22.80 42.05 -15.62
C ALA B 28 23.61 43.13 -14.91
N ALA B 29 23.05 43.66 -13.82
CA ALA B 29 23.72 44.68 -13.04
C ALA B 29 25.07 44.18 -12.58
N TYR B 30 25.12 42.92 -12.14
CA TYR B 30 26.37 42.31 -11.69
C TYR B 30 27.41 42.33 -12.79
N ALA B 31 27.09 41.72 -13.93
CA ALA B 31 27.99 41.67 -15.07
C ALA B 31 28.33 43.06 -15.58
N ALA B 32 27.45 44.02 -15.28
CA ALA B 32 27.66 45.40 -15.70
C ALA B 32 28.66 46.07 -14.75
N GLN B 33 29.41 45.24 -14.03
CA GLN B 33 30.41 45.73 -13.09
C GLN B 33 31.71 44.95 -13.24
N GLY B 34 31.79 44.14 -14.30
CA GLY B 34 32.97 43.36 -14.56
C GLY B 34 33.02 41.97 -13.95
N TYR B 35 31.97 41.59 -13.24
CA TYR B 35 31.91 40.27 -12.61
C TYR B 35 31.60 39.14 -13.58
N LYS B 36 32.12 37.96 -13.27
CA LYS B 36 31.86 36.76 -14.07
C LYS B 36 30.91 35.93 -13.20
N VAL B 37 29.65 36.36 -13.15
CA VAL B 37 28.64 35.69 -12.33
C VAL B 37 28.05 34.42 -12.91
N LEU B 38 27.82 33.45 -12.03
CA LEU B 38 27.24 32.16 -12.39
C LEU B 38 25.81 32.08 -11.85
N VAL B 39 24.94 31.44 -12.62
CA VAL B 39 23.55 31.27 -12.23
C VAL B 39 23.10 29.85 -12.59
N LEU B 40 22.75 29.08 -11.57
CA LEU B 40 22.32 27.70 -11.74
C LEU B 40 20.80 27.56 -11.65
N ASN B 41 20.24 26.84 -12.62
CA ASN B 41 18.79 26.62 -12.68
C ASN B 41 18.49 25.13 -12.79
N PRO B 42 17.35 24.69 -12.26
CA PRO B 42 17.04 23.25 -12.36
C PRO B 42 16.52 22.86 -13.74
N SER B 43 15.99 23.82 -14.49
CA SER B 43 15.45 23.53 -15.83
C SER B 43 16.44 23.77 -16.98
N VAL B 44 16.58 22.78 -17.84
CA VAL B 44 17.48 22.91 -18.98
C VAL B 44 16.80 23.74 -20.07
N ALA B 45 15.48 23.67 -20.12
CA ALA B 45 14.72 24.44 -21.12
C ALA B 45 14.86 25.92 -20.83
N ALA B 46 14.91 26.26 -19.54
CA ALA B 46 15.04 27.65 -19.14
C ALA B 46 16.48 28.14 -19.37
N THR B 47 17.44 27.34 -18.93
CA THR B 47 18.84 27.69 -19.09
C THR B 47 19.20 27.94 -20.54
N LEU B 48 18.62 27.18 -21.45
CA LEU B 48 18.89 27.36 -22.88
C LEU B 48 18.25 28.63 -23.43
N GLY B 49 17.15 29.05 -22.82
CA GLY B 49 16.44 30.23 -23.27
C GLY B 49 17.10 31.55 -22.87
N PHE B 50 17.85 31.52 -21.78
CA PHE B 50 18.52 32.72 -21.28
C PHE B 50 19.61 33.21 -22.24
N GLY B 51 19.99 32.37 -23.19
CA GLY B 51 21.02 32.73 -24.14
C GLY B 51 20.57 33.74 -25.17
N ALA B 52 19.67 33.32 -26.04
CA ALA B 52 19.16 34.21 -27.08
C ALA B 52 18.59 35.49 -26.46
N TYR B 53 17.79 35.33 -25.41
CA TYR B 53 17.19 36.50 -24.76
C TYR B 53 18.21 37.51 -24.24
N MET B 54 19.12 37.07 -23.37
CA MET B 54 20.13 37.97 -22.82
C MET B 54 20.96 38.63 -23.91
N SER B 55 20.90 38.09 -25.12
CA SER B 55 21.65 38.64 -26.25
C SER B 55 20.81 39.67 -27.01
N LYS B 56 19.69 39.22 -27.56
CA LYS B 56 18.79 40.07 -28.33
C LYS B 56 18.03 41.07 -27.47
N ALA B 57 18.31 41.10 -26.16
CA ALA B 57 17.61 42.02 -25.26
C ALA B 57 18.52 42.66 -24.23
N HIS B 58 19.79 42.29 -24.23
CA HIS B 58 20.75 42.84 -23.28
C HIS B 58 22.12 42.93 -23.93
N GLY B 59 22.23 42.33 -25.13
CA GLY B 59 23.49 42.35 -25.84
C GLY B 59 24.47 41.38 -25.24
N ILE B 60 24.50 41.32 -23.91
CA ILE B 60 25.41 40.41 -23.22
C ILE B 60 25.04 38.96 -23.49
N ASP B 61 25.90 38.27 -24.24
CA ASP B 61 25.67 36.87 -24.55
C ASP B 61 26.44 36.03 -23.52
N PRO B 62 25.73 35.48 -22.53
CA PRO B 62 26.30 34.65 -21.46
C PRO B 62 26.82 33.29 -21.90
N ASN B 63 27.52 32.62 -20.99
CA ASN B 63 28.06 31.30 -21.25
C ASN B 63 26.99 30.27 -20.83
N ILE B 64 26.43 29.57 -21.82
CA ILE B 64 25.40 28.57 -21.56
C ILE B 64 26.03 27.20 -21.35
N ARG B 65 25.83 26.62 -20.17
CA ARG B 65 26.39 25.31 -19.87
C ARG B 65 25.34 24.32 -19.38
N THR B 66 24.78 23.55 -20.29
CA THR B 66 23.77 22.56 -19.94
C THR B 66 24.37 21.17 -20.13
N GLY B 67 23.60 20.16 -19.78
CA GLY B 67 24.09 18.81 -19.92
C GLY B 67 24.19 18.35 -21.36
N VAL B 68 23.82 19.21 -22.31
CA VAL B 68 23.88 18.84 -23.72
C VAL B 68 24.34 19.95 -24.64
N ARG B 69 24.59 21.14 -24.10
CA ARG B 69 25.02 22.27 -24.93
C ARG B 69 25.94 23.22 -24.16
N THR B 70 27.10 23.53 -24.74
CA THR B 70 28.03 24.44 -24.08
C THR B 70 28.47 25.59 -24.98
N ILE B 71 28.12 26.79 -24.57
CA ILE B 71 28.48 28.00 -25.29
C ILE B 71 29.30 28.81 -24.29
N THR B 72 30.61 28.63 -24.32
CA THR B 72 31.48 29.34 -23.39
C THR B 72 32.20 30.49 -24.09
N THR B 73 31.54 31.65 -24.13
CA THR B 73 32.10 32.83 -24.76
C THR B 73 32.89 33.70 -23.78
N GLY B 74 33.40 33.08 -22.72
CA GLY B 74 34.17 33.81 -21.74
C GLY B 74 33.49 35.08 -21.25
N ALA B 75 32.18 35.17 -21.50
CA ALA B 75 31.39 36.32 -21.10
C ALA B 75 31.33 36.40 -19.57
N PRO B 76 31.03 37.59 -19.03
CA PRO B 76 30.94 37.77 -17.57
C PRO B 76 29.75 37.05 -16.94
N ILE B 77 28.92 36.42 -17.77
CA ILE B 77 27.75 35.70 -17.28
C ILE B 77 27.75 34.26 -17.78
N THR B 78 27.29 33.34 -16.94
CA THR B 78 27.24 31.94 -17.31
C THR B 78 25.99 31.26 -16.71
N TYR B 79 25.11 30.79 -17.58
CA TYR B 79 23.89 30.11 -17.14
C TYR B 79 24.11 28.61 -17.22
N SER B 80 23.87 27.92 -16.10
CA SER B 80 24.05 26.48 -16.04
C SER B 80 22.93 25.82 -15.25
N THR B 81 22.85 24.50 -15.34
CA THR B 81 21.84 23.74 -14.62
C THR B 81 22.55 23.07 -13.45
N TYR B 82 21.80 22.73 -12.41
CA TYR B 82 22.37 22.06 -11.25
C TYR B 82 22.90 20.68 -11.65
N GLY B 83 22.27 20.08 -12.65
CA GLY B 83 22.70 18.77 -13.10
C GLY B 83 24.08 18.81 -13.72
N LYS B 84 24.29 19.76 -14.62
CA LYS B 84 25.57 19.93 -15.31
C LYS B 84 26.63 20.42 -14.33
N PHE B 85 26.22 21.28 -13.41
CA PHE B 85 27.13 21.82 -12.41
C PHE B 85 27.76 20.67 -11.63
N LEU B 86 26.93 19.75 -11.17
CA LEU B 86 27.39 18.61 -10.41
C LEU B 86 28.31 17.75 -11.27
N ALA B 87 27.77 17.23 -12.37
CA ALA B 87 28.54 16.38 -13.27
C ALA B 87 29.91 16.98 -13.57
N ASP B 88 29.97 18.31 -13.70
CA ASP B 88 31.21 19.00 -13.97
C ASP B 88 32.07 19.13 -12.73
N GLY B 89 31.86 18.21 -11.79
CA GLY B 89 32.62 18.22 -10.55
C GLY B 89 32.22 19.29 -9.55
N GLY B 90 31.51 20.31 -10.00
CA GLY B 90 31.09 21.36 -9.10
C GLY B 90 31.72 22.70 -9.45
N CYS B 91 32.09 23.45 -8.42
CA CYS B 91 32.70 24.77 -8.60
C CYS B 91 34.03 24.75 -9.36
N SER B 92 34.10 25.52 -10.44
CA SER B 92 35.32 25.61 -11.23
C SER B 92 36.30 26.55 -10.54
N GLY B 93 37.38 25.98 -10.01
CA GLY B 93 38.38 26.78 -9.33
C GLY B 93 38.72 28.06 -10.09
N GLY B 94 38.27 29.19 -9.56
CA GLY B 94 38.54 30.47 -10.20
C GLY B 94 37.91 30.63 -11.57
N ALA B 95 36.58 30.60 -11.62
CA ALA B 95 35.87 30.75 -12.88
C ALA B 95 34.74 31.77 -12.76
N TYR B 96 34.21 31.90 -11.55
CA TYR B 96 33.11 32.84 -11.31
C TYR B 96 33.33 33.68 -10.06
N ASP B 97 32.74 34.87 -10.07
CA ASP B 97 32.83 35.82 -8.97
C ASP B 97 31.60 35.71 -8.07
N ILE B 98 30.46 35.39 -8.69
CA ILE B 98 29.20 35.26 -7.96
C ILE B 98 28.45 34.01 -8.40
N ILE B 99 27.84 33.31 -7.44
CA ILE B 99 27.07 32.12 -7.74
C ILE B 99 25.60 32.38 -7.40
N ILE B 100 24.74 32.32 -8.41
CA ILE B 100 23.31 32.56 -8.22
C ILE B 100 22.53 31.25 -8.22
N CYS B 101 22.22 30.74 -7.04
CA CYS B 101 21.46 29.51 -6.94
C CYS B 101 20.00 29.87 -7.20
N ASP B 102 19.58 29.71 -8.44
CA ASP B 102 18.23 30.05 -8.83
C ASP B 102 17.22 28.99 -8.42
N GLU B 103 15.98 29.42 -8.25
CA GLU B 103 14.88 28.53 -7.87
C GLU B 103 15.25 27.72 -6.64
N CYS B 104 15.88 28.38 -5.67
CA CYS B 104 16.31 27.75 -4.44
C CYS B 104 15.16 27.11 -3.65
N HIS B 105 13.94 27.26 -4.15
CA HIS B 105 12.77 26.68 -3.49
C HIS B 105 12.57 25.23 -3.94
N SER B 106 13.14 24.88 -5.10
CA SER B 106 13.01 23.52 -5.65
C SER B 106 13.50 22.47 -4.68
N THR B 107 12.69 21.45 -4.43
CA THR B 107 13.10 20.40 -3.52
C THR B 107 13.36 19.07 -4.22
N ASP B 108 13.79 19.13 -5.48
CA ASP B 108 14.10 17.91 -6.20
C ASP B 108 15.55 17.59 -5.79
N SER B 109 15.90 16.31 -5.80
CA SER B 109 17.23 15.89 -5.37
C SER B 109 18.39 16.63 -6.03
N THR B 110 18.34 16.80 -7.34
CA THR B 110 19.42 17.48 -8.04
C THR B 110 19.62 18.92 -7.55
N THR B 111 18.52 19.63 -7.28
CA THR B 111 18.65 21.01 -6.83
C THR B 111 19.23 21.08 -5.43
N ILE B 112 18.77 20.20 -4.54
CA ILE B 112 19.26 20.21 -3.19
C ILE B 112 20.75 19.85 -3.19
N LEU B 113 21.13 18.78 -3.89
CA LEU B 113 22.53 18.38 -3.96
C LEU B 113 23.37 19.48 -4.59
N GLY B 114 22.82 20.13 -5.62
CA GLY B 114 23.52 21.20 -6.29
C GLY B 114 23.78 22.40 -5.41
N ILE B 115 22.74 22.87 -4.72
CA ILE B 115 22.91 24.02 -3.83
C ILE B 115 23.81 23.65 -2.66
N GLY B 116 23.66 22.43 -2.16
CA GLY B 116 24.49 21.97 -1.06
C GLY B 116 25.96 21.98 -1.47
N THR B 117 26.23 21.70 -2.73
CA THR B 117 27.59 21.69 -3.24
C THR B 117 28.16 23.10 -3.40
N VAL B 118 27.33 24.05 -3.81
CA VAL B 118 27.78 25.42 -3.97
C VAL B 118 28.14 26.01 -2.62
N LEU B 119 27.29 25.75 -1.63
CA LEU B 119 27.49 26.27 -0.29
C LEU B 119 28.85 25.99 0.35
N ASP B 120 29.58 24.98 -0.14
CA ASP B 120 30.89 24.71 0.46
C ASP B 120 32.04 24.53 -0.55
N GLN B 121 31.96 25.23 -1.67
CA GLN B 121 33.01 25.16 -2.68
C GLN B 121 33.23 26.53 -3.29
N ALA B 122 32.19 27.35 -3.28
CA ALA B 122 32.25 28.70 -3.83
C ALA B 122 33.50 29.49 -3.43
N GLU B 123 33.62 29.83 -2.15
CA GLU B 123 34.76 30.59 -1.66
C GLU B 123 36.06 29.95 -2.10
N THR B 124 36.25 28.70 -1.69
CA THR B 124 37.45 27.94 -2.03
C THR B 124 37.84 28.10 -3.49
N ALA B 125 36.84 28.22 -4.36
CA ALA B 125 37.07 28.36 -5.80
C ALA B 125 37.29 29.82 -6.18
N GLY B 126 37.00 30.73 -5.25
CA GLY B 126 37.20 32.13 -5.53
C GLY B 126 35.93 32.92 -5.79
N ALA B 127 34.79 32.38 -5.36
CA ALA B 127 33.51 33.07 -5.54
C ALA B 127 33.32 34.09 -4.42
N ARG B 128 32.94 35.30 -4.80
CA ARG B 128 32.74 36.38 -3.84
C ARG B 128 31.36 36.38 -3.17
N LEU B 129 30.33 36.07 -3.95
CA LEU B 129 28.97 36.07 -3.42
C LEU B 129 28.09 34.94 -3.95
N VAL B 130 27.22 34.44 -3.08
CA VAL B 130 26.29 33.38 -3.45
C VAL B 130 24.90 33.91 -3.14
N VAL B 131 24.01 33.83 -4.11
CA VAL B 131 22.65 34.32 -3.93
C VAL B 131 21.59 33.22 -4.07
N LEU B 132 20.73 33.13 -3.06
CA LEU B 132 19.64 32.15 -3.06
C LEU B 132 18.39 32.89 -3.55
N ALA B 133 18.17 32.87 -4.86
CA ALA B 133 17.05 33.58 -5.45
C ALA B 133 15.80 32.74 -5.77
N THR B 134 14.64 33.27 -5.38
CA THR B 134 13.36 32.61 -5.62
C THR B 134 12.16 33.55 -5.41
N ALA B 135 11.08 33.27 -6.15
CA ALA B 135 9.85 34.04 -6.05
C ALA B 135 8.97 33.45 -4.96
N THR B 136 9.21 32.18 -4.64
CA THR B 136 8.43 31.51 -3.62
C THR B 136 9.28 30.95 -2.48
N PRO B 137 9.75 31.84 -1.59
CA PRO B 137 10.56 31.38 -0.46
C PRO B 137 9.69 30.57 0.50
N PRO B 138 10.32 29.80 1.40
CA PRO B 138 9.57 29.01 2.37
C PRO B 138 8.53 29.82 3.14
N GLY B 139 7.33 29.26 3.25
CA GLY B 139 6.26 29.94 3.96
C GLY B 139 5.52 30.96 3.11
N SER B 140 5.90 31.04 1.84
CA SER B 140 5.28 31.98 0.91
C SER B 140 3.81 31.64 0.67
N VAL B 141 3.00 32.68 0.47
CA VAL B 141 1.59 32.53 0.20
C VAL B 141 1.28 33.20 -1.12
N THR B 142 0.56 32.51 -2.00
CA THR B 142 0.22 33.06 -3.30
C THR B 142 -0.56 34.36 -3.18
N VAL B 143 -0.13 35.35 -3.97
CA VAL B 143 -0.77 36.65 -4.00
C VAL B 143 -1.05 36.99 -5.45
N PRO B 144 -2.16 37.70 -5.73
CA PRO B 144 -2.45 38.04 -7.12
C PRO B 144 -1.30 38.77 -7.82
N HIS B 145 -1.03 38.37 -9.05
CA HIS B 145 0.04 38.94 -9.86
C HIS B 145 -0.59 40.01 -10.74
N PRO B 146 0.06 41.18 -10.87
CA PRO B 146 -0.46 42.29 -11.68
C PRO B 146 -0.60 42.03 -13.17
N ASN B 147 0.12 41.04 -13.70
CA ASN B 147 0.04 40.76 -15.12
C ASN B 147 -0.77 39.51 -15.45
N ILE B 148 -1.36 38.90 -14.44
CA ILE B 148 -2.11 37.65 -14.64
C ILE B 148 -3.57 37.65 -14.19
N GLU B 149 -4.47 37.36 -15.12
CA GLU B 149 -5.91 37.29 -14.82
C GLU B 149 -6.32 35.85 -14.55
N GLU B 150 -6.76 35.58 -13.33
CA GLU B 150 -7.17 34.23 -12.96
C GLU B 150 -8.65 33.93 -13.18
N VAL B 151 -8.91 32.80 -13.83
CA VAL B 151 -10.26 32.38 -14.16
C VAL B 151 -10.45 30.89 -13.85
N ALA B 152 -11.54 30.55 -13.17
CA ALA B 152 -11.81 29.16 -12.84
C ALA B 152 -12.37 28.45 -14.05
N LEU B 153 -12.09 27.15 -14.16
CA LEU B 153 -12.63 26.38 -15.26
C LEU B 153 -14.01 25.94 -14.77
N SER B 154 -14.84 25.43 -15.68
CA SER B 154 -16.18 24.97 -15.31
C SER B 154 -16.47 23.69 -16.07
N SER B 155 -17.72 23.23 -16.01
CA SER B 155 -18.14 22.03 -16.70
C SER B 155 -18.23 22.31 -18.19
N THR B 156 -18.17 23.59 -18.54
CA THR B 156 -18.26 24.01 -19.93
C THR B 156 -17.00 23.73 -20.72
N GLY B 157 -17.16 23.08 -21.88
CA GLY B 157 -16.03 22.75 -22.73
C GLY B 157 -16.13 21.32 -23.22
N GLU B 158 -15.64 21.06 -24.43
CA GLU B 158 -15.70 19.70 -24.97
C GLU B 158 -14.43 18.89 -24.72
N ILE B 159 -13.62 19.38 -23.78
CA ILE B 159 -12.38 18.69 -23.45
C ILE B 159 -12.27 18.45 -21.94
N PRO B 160 -12.61 17.23 -21.50
CA PRO B 160 -12.55 16.88 -20.08
C PRO B 160 -11.18 17.17 -19.48
N PHE B 161 -11.15 17.68 -18.26
CA PHE B 161 -9.87 18.01 -17.63
C PHE B 161 -9.96 17.99 -16.12
N TYR B 162 -9.47 16.90 -15.52
CA TYR B 162 -9.45 16.73 -14.07
C TYR B 162 -10.75 17.06 -13.36
N GLY B 163 -11.88 16.68 -13.97
CA GLY B 163 -13.16 16.95 -13.35
C GLY B 163 -13.96 18.07 -14.00
N LYS B 164 -13.25 19.01 -14.62
CA LYS B 164 -13.90 20.12 -15.29
C LYS B 164 -13.73 19.95 -16.79
N ALA B 165 -13.53 21.07 -17.49
CA ALA B 165 -13.34 21.00 -18.93
C ALA B 165 -12.69 22.26 -19.49
N ILE B 166 -12.28 22.19 -20.74
CA ILE B 166 -11.63 23.30 -21.43
C ILE B 166 -12.32 23.59 -22.76
N PRO B 167 -12.82 24.82 -22.94
CA PRO B 167 -13.49 25.21 -24.18
C PRO B 167 -12.44 25.30 -25.30
N ILE B 168 -12.71 24.65 -26.43
CA ILE B 168 -11.76 24.69 -27.55
C ILE B 168 -11.46 26.14 -27.98
N GLU B 169 -12.46 27.00 -27.87
CA GLU B 169 -12.29 28.41 -28.26
C GLU B 169 -11.27 29.16 -27.41
N THR B 170 -10.99 28.66 -26.22
CA THR B 170 -10.04 29.31 -25.32
C THR B 170 -8.59 28.96 -25.63
N ILE B 171 -8.37 28.00 -26.53
CA ILE B 171 -7.02 27.59 -26.87
C ILE B 171 -6.80 27.38 -28.37
N LYS B 172 -7.86 27.56 -29.16
CA LYS B 172 -7.76 27.37 -30.60
C LYS B 172 -6.73 28.29 -31.23
N GLY B 173 -6.44 29.41 -30.56
CA GLY B 173 -5.47 30.34 -31.09
C GLY B 173 -4.45 30.81 -30.07
N GLY B 174 -3.26 31.15 -30.53
CA GLY B 174 -2.22 31.61 -29.63
C GLY B 174 -1.38 30.52 -28.98
N ARG B 175 -0.60 30.91 -27.97
CA ARG B 175 0.27 29.98 -27.25
C ARG B 175 -0.27 29.73 -25.85
N HIS B 176 -0.39 28.44 -25.49
CA HIS B 176 -0.92 28.07 -24.19
C HIS B 176 -0.14 26.93 -23.52
N LEU B 177 -0.04 26.99 -22.20
CA LEU B 177 0.65 25.95 -21.44
C LEU B 177 -0.35 25.25 -20.53
N ILE B 178 -0.39 23.92 -20.62
CA ILE B 178 -1.31 23.12 -19.81
C ILE B 178 -0.52 22.17 -18.90
N PHE B 179 -0.68 22.30 -17.59
CA PHE B 179 0.03 21.44 -16.64
C PHE B 179 -0.77 20.19 -16.21
N CYS B 180 -0.14 19.03 -16.38
CA CYS B 180 -0.69 17.73 -15.99
C CYS B 180 0.31 17.15 -14.99
N HIS B 181 -0.14 16.28 -14.10
CA HIS B 181 0.75 15.72 -13.09
C HIS B 181 1.68 14.60 -13.54
N SER B 182 1.51 14.10 -14.77
CA SER B 182 2.35 13.01 -15.24
C SER B 182 2.58 13.01 -16.75
N LYS B 183 3.58 12.25 -17.18
CA LYS B 183 3.92 12.15 -18.60
C LYS B 183 2.76 11.47 -19.31
N LYS B 184 2.18 10.49 -18.64
CA LYS B 184 1.07 9.73 -19.18
C LYS B 184 -0.08 10.68 -19.55
N LYS B 185 -0.50 11.49 -18.58
CA LYS B 185 -1.57 12.46 -18.79
C LYS B 185 -1.24 13.39 -19.96
N CYS B 186 0.00 13.90 -19.98
CA CYS B 186 0.43 14.79 -21.03
C CYS B 186 0.29 14.14 -22.40
N ASP B 187 0.82 12.93 -22.56
CA ASP B 187 0.72 12.23 -23.83
C ASP B 187 -0.74 12.12 -24.28
N GLU B 188 -1.63 11.82 -23.33
CA GLU B 188 -3.04 11.69 -23.63
C GLU B 188 -3.65 13.00 -24.14
N LEU B 189 -3.66 14.01 -23.28
CA LEU B 189 -4.23 15.30 -23.65
C LEU B 189 -3.74 15.75 -25.01
N ALA B 190 -2.42 15.81 -25.19
CA ALA B 190 -1.84 16.23 -26.46
C ALA B 190 -2.42 15.46 -27.63
N ALA B 191 -2.71 14.17 -27.40
CA ALA B 191 -3.26 13.31 -28.44
C ALA B 191 -4.66 13.78 -28.83
N LYS B 192 -5.50 14.03 -27.84
CA LYS B 192 -6.86 14.47 -28.10
C LYS B 192 -6.90 15.84 -28.79
N LEU B 193 -6.05 16.75 -28.33
CA LEU B 193 -6.00 18.08 -28.93
C LEU B 193 -5.56 17.98 -30.38
N SER B 194 -4.45 17.27 -30.62
CA SER B 194 -3.94 17.10 -31.99
C SER B 194 -5.00 16.48 -32.90
N GLY B 195 -5.70 15.48 -32.38
CA GLY B 195 -6.72 14.83 -33.17
C GLY B 195 -7.91 15.75 -33.36
N LEU B 196 -7.91 16.86 -32.60
CA LEU B 196 -8.97 17.85 -32.68
C LEU B 196 -8.56 18.96 -33.62
N GLY B 197 -7.44 18.76 -34.33
CA GLY B 197 -6.98 19.76 -35.26
C GLY B 197 -6.11 20.85 -34.67
N LEU B 198 -5.89 20.78 -33.35
CA LEU B 198 -5.07 21.78 -32.68
C LEU B 198 -3.61 21.39 -32.74
N ASN B 199 -2.74 22.37 -32.56
CA ASN B 199 -1.30 22.12 -32.60
C ASN B 199 -0.75 21.97 -31.19
N ALA B 200 -1.04 20.82 -30.59
CA ALA B 200 -0.59 20.52 -29.23
C ALA B 200 0.66 19.64 -29.24
N VAL B 201 1.54 19.87 -28.29
CA VAL B 201 2.78 19.09 -28.18
C VAL B 201 3.06 18.78 -26.71
N ALA B 202 3.39 17.52 -26.41
CA ALA B 202 3.69 17.11 -25.05
C ALA B 202 5.17 17.38 -24.76
N TYR B 203 5.47 17.82 -23.53
CA TYR B 203 6.84 18.12 -23.18
C TYR B 203 7.15 17.84 -21.71
N TYR B 204 8.17 17.01 -21.49
CA TYR B 204 8.59 16.63 -20.14
C TYR B 204 10.02 16.09 -20.16
N ARG B 205 10.43 15.46 -19.06
CA ARG B 205 11.78 14.91 -18.97
C ARG B 205 11.98 13.83 -20.04
N GLY B 206 13.01 14.00 -20.85
CA GLY B 206 13.29 13.01 -21.88
C GLY B 206 13.11 13.49 -23.31
N LEU B 207 12.35 14.57 -23.49
CA LEU B 207 12.13 15.11 -24.83
C LEU B 207 13.03 16.31 -25.09
N ASP B 208 13.31 16.56 -26.36
CA ASP B 208 14.15 17.68 -26.74
C ASP B 208 13.34 18.95 -26.55
N VAL B 209 13.95 20.00 -26.00
CA VAL B 209 13.26 21.25 -25.76
C VAL B 209 12.87 21.96 -27.06
N SER B 210 13.40 21.47 -28.18
CA SER B 210 13.10 22.08 -29.47
C SER B 210 11.68 21.76 -29.89
N VAL B 211 11.10 20.71 -29.31
CA VAL B 211 9.74 20.31 -29.62
C VAL B 211 8.76 21.47 -29.37
N ILE B 212 9.20 22.45 -28.60
CA ILE B 212 8.36 23.60 -28.30
C ILE B 212 8.80 24.79 -29.16
N PRO B 213 7.98 25.16 -30.16
CA PRO B 213 8.27 26.28 -31.05
C PRO B 213 8.46 27.59 -30.30
N THR B 214 9.57 28.27 -30.57
CA THR B 214 9.90 29.52 -29.93
C THR B 214 8.79 30.57 -30.10
N SER B 215 8.19 30.58 -31.28
CA SER B 215 7.12 31.52 -31.58
C SER B 215 5.99 30.76 -32.28
N GLY B 216 4.95 31.48 -32.70
CA GLY B 216 3.84 30.85 -33.38
C GLY B 216 2.84 30.19 -32.46
N ASP B 217 1.67 29.87 -33.01
CA ASP B 217 0.60 29.22 -32.25
C ASP B 217 0.97 27.82 -31.82
N VAL B 218 0.57 27.45 -30.61
CA VAL B 218 0.84 26.12 -30.09
C VAL B 218 0.27 25.92 -28.69
N ILE B 219 0.05 24.66 -28.35
CA ILE B 219 -0.45 24.27 -27.04
C ILE B 219 0.53 23.27 -26.44
N VAL B 220 1.27 23.68 -25.42
CA VAL B 220 2.21 22.77 -24.78
C VAL B 220 1.58 22.11 -23.56
N VAL B 221 1.66 20.79 -23.50
CA VAL B 221 1.12 20.04 -22.37
C VAL B 221 2.35 19.48 -21.66
N ALA B 222 2.65 20.00 -20.47
CA ALA B 222 3.85 19.58 -19.77
C ALA B 222 3.71 19.29 -18.27
N THR B 223 4.80 18.76 -17.70
CA THR B 223 4.91 18.45 -16.28
C THR B 223 5.65 19.61 -15.64
N ASP B 224 6.00 19.49 -14.37
CA ASP B 224 6.70 20.57 -13.66
C ASP B 224 8.19 20.78 -13.92
N ALA B 225 8.98 19.72 -13.81
CA ALA B 225 10.43 19.80 -13.97
C ALA B 225 10.95 20.90 -14.90
N LEU B 226 10.63 20.80 -16.19
CA LEU B 226 11.12 21.76 -17.17
C LEU B 226 10.53 23.16 -17.12
N MET B 227 9.29 23.29 -16.63
CA MET B 227 8.67 24.60 -16.60
C MET B 227 9.15 25.53 -15.48
N THR B 228 10.17 25.13 -14.74
CA THR B 228 10.71 25.96 -13.66
C THR B 228 11.46 27.16 -14.27
N GLY B 229 11.01 28.37 -13.95
CA GLY B 229 11.64 29.58 -14.45
C GLY B 229 11.75 29.73 -15.95
N PHE B 230 10.82 29.10 -16.68
CA PHE B 230 10.79 29.13 -18.14
C PHE B 230 9.89 30.25 -18.67
N THR B 231 10.24 30.79 -19.83
CA THR B 231 9.46 31.85 -20.48
C THR B 231 9.12 31.34 -21.86
N GLY B 232 7.85 31.00 -22.07
CA GLY B 232 7.44 30.50 -23.37
C GLY B 232 6.51 31.47 -24.08
N ASP B 233 6.35 32.66 -23.51
CA ASP B 233 5.48 33.68 -24.08
C ASP B 233 4.08 33.07 -24.23
N PHE B 234 3.58 32.49 -23.15
CA PHE B 234 2.26 31.86 -23.16
C PHE B 234 1.15 32.86 -22.91
N ASP B 235 0.11 32.82 -23.74
CA ASP B 235 -1.02 33.71 -23.56
C ASP B 235 -1.81 33.30 -22.32
N SER B 236 -1.79 32.00 -22.02
CA SER B 236 -2.49 31.50 -20.84
C SER B 236 -1.86 30.23 -20.31
N VAL B 237 -2.18 29.91 -19.06
CA VAL B 237 -1.72 28.69 -18.42
C VAL B 237 -2.96 28.03 -17.83
N ILE B 238 -3.11 26.74 -18.09
CA ILE B 238 -4.22 25.97 -17.55
C ILE B 238 -3.56 24.95 -16.60
N ASP B 239 -3.89 25.06 -15.31
CA ASP B 239 -3.29 24.25 -14.26
C ASP B 239 -4.22 23.17 -13.65
N CYS B 240 -3.78 21.92 -13.68
CA CYS B 240 -4.56 20.80 -13.13
C CYS B 240 -4.61 20.89 -11.61
N ASN B 241 -3.72 21.71 -11.05
CA ASN B 241 -3.64 21.93 -9.62
C ASN B 241 -3.25 20.75 -8.71
N THR B 242 -2.75 19.66 -9.28
CA THR B 242 -2.31 18.51 -8.47
C THR B 242 -0.85 18.19 -8.80
N CYS B 243 -0.15 17.56 -7.86
CA CYS B 243 1.26 17.22 -8.04
C CYS B 243 1.59 15.82 -7.53
N VAL B 244 2.44 15.11 -8.25
CA VAL B 244 2.87 13.78 -7.80
C VAL B 244 3.84 14.04 -6.66
N THR B 245 3.73 13.28 -5.57
CA THR B 245 4.65 13.46 -4.44
C THR B 245 5.09 12.11 -3.88
N GLN B 246 6.18 12.11 -3.13
CA GLN B 246 6.72 10.88 -2.54
C GLN B 246 6.74 11.00 -1.02
N THR B 247 6.39 9.90 -0.34
CA THR B 247 6.37 9.89 1.12
C THR B 247 6.97 8.60 1.69
N VAL B 248 7.89 8.73 2.63
CA VAL B 248 8.51 7.56 3.23
C VAL B 248 7.75 7.15 4.47
N ASP B 249 7.56 5.85 4.61
CA ASP B 249 6.87 5.28 5.77
C ASP B 249 7.70 4.11 6.29
N PHE B 250 8.21 4.25 7.50
CA PHE B 250 9.02 3.21 8.10
C PHE B 250 8.09 2.13 8.64
N SER B 251 7.52 1.39 7.70
CA SER B 251 6.56 0.32 7.97
C SER B 251 7.16 -0.94 8.61
N LEU B 252 8.48 -0.97 8.75
CA LEU B 252 9.14 -2.12 9.36
C LEU B 252 8.63 -3.44 8.78
N ASP B 253 8.25 -3.44 7.51
CA ASP B 253 7.73 -4.66 6.88
C ASP B 253 8.53 -5.12 5.66
N PRO B 254 9.82 -5.42 5.83
CA PRO B 254 10.57 -5.35 7.09
C PRO B 254 11.31 -4.05 7.35
N THR B 255 11.43 -3.17 6.36
CA THR B 255 12.18 -1.95 6.57
C THR B 255 11.38 -0.66 6.42
N PHE B 256 11.43 -0.06 5.23
CA PHE B 256 10.69 1.16 4.98
C PHE B 256 9.91 1.04 3.67
N THR B 257 9.04 2.00 3.42
CA THR B 257 8.23 1.99 2.21
C THR B 257 8.26 3.38 1.58
N ILE B 258 8.49 3.44 0.28
CA ILE B 258 8.49 4.72 -0.42
C ILE B 258 7.12 4.76 -1.09
N GLU B 259 6.31 5.72 -0.68
CA GLU B 259 4.95 5.86 -1.21
C GLU B 259 4.82 6.94 -2.28
N THR B 260 4.20 6.58 -3.40
CA THR B 260 3.98 7.53 -4.47
C THR B 260 2.50 7.85 -4.55
N THR B 261 2.16 9.14 -4.48
CA THR B 261 0.77 9.58 -4.56
C THR B 261 0.67 10.88 -5.36
N THR B 262 -0.56 11.37 -5.53
CA THR B 262 -0.82 12.62 -6.26
C THR B 262 -1.71 13.46 -5.37
N VAL B 263 -1.24 14.65 -4.97
CA VAL B 263 -2.02 15.51 -4.09
C VAL B 263 -2.23 16.94 -4.58
N PRO B 264 -3.08 17.72 -3.87
CA PRO B 264 -3.34 19.11 -4.28
C PRO B 264 -2.06 19.95 -4.16
N GLN B 265 -1.76 20.71 -5.21
CA GLN B 265 -0.55 21.55 -5.25
C GLN B 265 -0.44 22.47 -4.03
N ASP B 266 0.78 22.91 -3.74
CA ASP B 266 0.97 23.83 -2.61
C ASP B 266 1.18 25.25 -3.14
N ALA B 267 1.35 26.21 -2.23
CA ALA B 267 1.53 27.61 -2.59
C ALA B 267 2.67 27.83 -3.58
N VAL B 268 3.78 27.14 -3.37
CA VAL B 268 4.94 27.27 -4.25
C VAL B 268 4.57 26.84 -5.67
N SER B 269 3.91 25.70 -5.80
CA SER B 269 3.50 25.20 -7.11
C SER B 269 2.52 26.13 -7.83
N ARG B 270 1.47 26.55 -7.14
CA ARG B 270 0.48 27.43 -7.77
C ARG B 270 1.14 28.71 -8.31
N SER B 271 1.91 29.41 -7.48
CA SER B 271 2.57 30.64 -7.91
C SER B 271 3.57 30.44 -9.06
N GLN B 272 4.31 29.34 -9.04
CA GLN B 272 5.30 29.08 -10.08
C GLN B 272 4.65 28.68 -11.41
N ARG B 273 3.66 27.79 -11.38
CA ARG B 273 2.97 27.35 -12.59
C ARG B 273 2.23 28.55 -13.20
N ARG B 274 1.51 29.27 -12.35
CA ARG B 274 0.77 30.45 -12.79
C ARG B 274 1.75 31.41 -13.46
N GLY B 275 2.89 31.61 -12.80
CA GLY B 275 3.90 32.51 -13.30
C GLY B 275 4.49 32.22 -14.67
N ARG B 276 4.08 31.13 -15.32
CA ARG B 276 4.61 30.82 -16.65
C ARG B 276 3.96 31.71 -17.70
N THR B 277 3.02 32.54 -17.27
CA THR B 277 2.35 33.48 -18.17
C THR B 277 2.38 34.85 -17.50
N GLY B 278 1.95 35.88 -18.23
CA GLY B 278 1.97 37.22 -17.66
C GLY B 278 3.40 37.64 -17.37
N ARG B 279 4.30 37.27 -18.28
CA ARG B 279 5.73 37.59 -18.13
C ARG B 279 6.11 38.70 -19.12
N GLY B 280 5.97 39.95 -18.67
CA GLY B 280 6.29 41.07 -19.53
C GLY B 280 5.04 41.57 -20.22
N ARG B 281 3.89 41.01 -19.84
CA ARG B 281 2.61 41.39 -20.40
C ARG B 281 1.48 40.68 -19.67
N MET B 282 0.26 40.93 -20.11
CA MET B 282 -0.92 40.32 -19.51
C MET B 282 -1.06 38.88 -19.95
N GLY B 283 -1.53 38.03 -19.03
CA GLY B 283 -1.73 36.63 -19.33
C GLY B 283 -2.96 36.11 -18.61
N ILE B 284 -3.37 34.90 -18.92
CA ILE B 284 -4.54 34.32 -18.27
C ILE B 284 -4.18 33.03 -17.55
N TYR B 285 -4.71 32.86 -16.35
CA TYR B 285 -4.47 31.65 -15.57
C TYR B 285 -5.79 30.94 -15.26
N ARG B 286 -5.96 29.74 -15.81
CA ARG B 286 -7.17 28.97 -15.59
C ARG B 286 -6.85 27.81 -14.65
N PHE B 287 -7.74 27.53 -13.71
CA PHE B 287 -7.51 26.45 -12.75
C PHE B 287 -8.72 25.55 -12.55
N VAL B 288 -8.46 24.31 -12.10
CA VAL B 288 -9.52 23.35 -11.84
C VAL B 288 -10.11 23.59 -10.46
N THR B 289 -9.24 23.81 -9.47
CA THR B 289 -9.71 24.04 -8.11
C THR B 289 -8.98 25.22 -7.50
N PRO B 290 -9.70 26.05 -6.72
CA PRO B 290 -9.10 27.21 -6.06
C PRO B 290 -8.35 26.78 -4.82
N GLY B 291 -7.71 27.73 -4.14
CA GLY B 291 -6.99 27.41 -2.92
C GLY B 291 -5.58 26.88 -3.16
N GLU B 292 -4.98 26.36 -2.10
CA GLU B 292 -3.62 25.80 -2.15
C GLU B 292 -3.17 25.33 -0.78
N ARG B 293 -2.42 24.24 -0.73
CA ARG B 293 -1.89 23.70 0.51
C ARG B 293 -0.77 24.62 1.02
N PRO B 294 -0.62 24.73 2.34
CA PRO B 294 0.42 25.58 2.94
C PRO B 294 1.80 24.94 2.84
N SER B 295 2.70 25.56 2.10
CA SER B 295 4.05 25.03 1.94
C SER B 295 4.70 24.73 3.29
N GLY B 296 5.34 23.57 3.38
CA GLY B 296 6.02 23.16 4.60
C GLY B 296 7.37 22.55 4.32
N MET B 297 7.88 21.74 5.24
CA MET B 297 9.18 21.10 5.05
C MET B 297 9.04 19.88 4.15
N PHE B 298 10.02 19.67 3.27
CA PHE B 298 9.98 18.54 2.36
C PHE B 298 10.21 17.20 3.06
N ASP B 299 9.77 16.11 2.42
CA ASP B 299 9.86 14.77 2.99
C ASP B 299 11.25 14.15 3.10
N SER B 300 11.36 13.20 4.03
CA SER B 300 12.59 12.46 4.29
C SER B 300 12.98 11.68 3.05
N SER B 301 11.98 11.28 2.27
CA SER B 301 12.21 10.53 1.04
C SER B 301 13.09 11.30 0.07
N VAL B 302 13.02 12.63 0.13
CA VAL B 302 13.83 13.47 -0.74
C VAL B 302 15.32 13.25 -0.37
N LEU B 303 15.59 13.10 0.93
CA LEU B 303 16.95 12.86 1.39
C LEU B 303 17.41 11.53 0.79
N CYS B 304 16.57 10.51 0.89
CA CYS B 304 16.91 9.21 0.32
C CYS B 304 17.24 9.42 -1.16
N GLU B 305 16.44 10.25 -1.83
CA GLU B 305 16.63 10.54 -3.24
C GLU B 305 17.99 11.17 -3.53
N CYS B 306 18.45 12.02 -2.61
CA CYS B 306 19.74 12.68 -2.79
C CYS B 306 20.88 11.68 -2.71
N TYR B 307 20.78 10.73 -1.79
CA TYR B 307 21.81 9.70 -1.66
C TYR B 307 21.73 8.79 -2.88
N ASP B 308 20.52 8.50 -3.32
CA ASP B 308 20.35 7.64 -4.48
C ASP B 308 21.01 8.28 -5.71
N ALA B 309 20.72 9.56 -5.94
CA ALA B 309 21.28 10.29 -7.07
C ALA B 309 22.80 10.42 -7.02
N GLY B 310 23.32 10.76 -5.85
CA GLY B 310 24.76 10.89 -5.72
C GLY B 310 25.45 9.61 -6.12
N CYS B 311 24.91 8.48 -5.67
CA CYS B 311 25.47 7.16 -5.96
C CYS B 311 25.33 6.71 -7.41
N ALA B 312 24.23 7.06 -8.06
CA ALA B 312 24.00 6.64 -9.43
C ALA B 312 24.36 7.63 -10.52
N TRP B 313 24.20 8.92 -10.24
CA TRP B 313 24.46 9.95 -11.24
C TRP B 313 25.70 10.82 -11.06
N TYR B 314 25.97 11.23 -9.83
CA TYR B 314 27.09 12.13 -9.59
C TYR B 314 28.35 11.55 -8.96
N GLU B 315 28.48 10.22 -9.03
CA GLU B 315 29.63 9.54 -8.46
C GLU B 315 30.04 10.15 -7.13
N LEU B 316 29.11 10.16 -6.19
CA LEU B 316 29.36 10.70 -4.86
C LEU B 316 29.12 9.62 -3.83
N THR B 317 30.07 9.44 -2.92
CA THR B 317 29.92 8.44 -1.88
C THR B 317 28.91 8.98 -0.89
N PRO B 318 28.29 8.10 -0.09
CA PRO B 318 27.31 8.57 0.88
C PRO B 318 27.90 9.59 1.85
N ALA B 319 29.21 9.53 2.07
CA ALA B 319 29.88 10.46 2.99
C ALA B 319 29.95 11.83 2.36
N GLU B 320 30.34 11.86 1.08
CA GLU B 320 30.46 13.09 0.33
C GLU B 320 29.11 13.78 0.17
N THR B 321 28.05 12.99 0.10
CA THR B 321 26.71 13.53 -0.03
C THR B 321 26.26 14.15 1.28
N SER B 322 26.58 13.49 2.39
CA SER B 322 26.20 14.01 3.71
C SER B 322 26.82 15.39 3.90
N VAL B 323 28.05 15.55 3.43
CA VAL B 323 28.76 16.83 3.55
C VAL B 323 28.03 17.94 2.83
N ARG B 324 27.55 17.63 1.62
CA ARG B 324 26.84 18.61 0.81
C ARG B 324 25.46 18.88 1.38
N LEU B 325 24.82 17.83 1.90
CA LEU B 325 23.51 17.97 2.48
C LEU B 325 23.56 18.75 3.79
N ARG B 326 24.57 18.48 4.61
CA ARG B 326 24.68 19.21 5.87
C ARG B 326 24.83 20.71 5.56
N ALA B 327 25.66 21.03 4.58
CA ALA B 327 25.87 22.42 4.20
C ALA B 327 24.58 23.09 3.72
N TYR B 328 23.59 22.28 3.32
CA TYR B 328 22.31 22.81 2.84
C TYR B 328 21.34 22.98 4.01
N LEU B 329 21.35 22.04 4.94
CA LEU B 329 20.48 22.10 6.10
C LEU B 329 21.00 23.06 7.18
N ASN B 330 22.19 23.62 6.95
CA ASN B 330 22.76 24.56 7.91
C ASN B 330 22.83 25.97 7.30
N THR B 331 22.04 26.20 6.25
CA THR B 331 22.00 27.50 5.59
C THR B 331 20.57 28.04 5.68
N PRO B 332 20.35 29.03 6.56
CA PRO B 332 19.03 29.65 6.76
C PRO B 332 18.39 30.18 5.48
N GLY B 333 17.07 30.17 5.43
CA GLY B 333 16.35 30.68 4.28
C GLY B 333 16.05 29.68 3.18
N LEU B 334 16.42 28.43 3.38
CA LEU B 334 16.17 27.39 2.40
C LEU B 334 15.17 26.38 2.95
N PRO B 335 14.58 25.55 2.08
CA PRO B 335 13.61 24.54 2.53
C PRO B 335 14.23 23.61 3.58
N VAL B 336 13.44 23.24 4.58
CA VAL B 336 13.94 22.38 5.64
C VAL B 336 13.17 21.07 5.73
N CYS B 337 13.72 20.13 6.50
CA CYS B 337 13.11 18.83 6.70
C CYS B 337 13.82 18.16 7.89
N GLN B 338 13.21 17.10 8.41
CA GLN B 338 13.77 16.38 9.54
C GLN B 338 15.18 15.89 9.23
N ASP B 339 16.07 16.02 10.20
CA ASP B 339 17.45 15.58 10.00
C ASP B 339 17.54 14.07 10.11
N HIS B 340 17.79 13.42 8.97
CA HIS B 340 17.93 11.98 8.90
C HIS B 340 19.17 11.61 8.09
N LEU B 341 20.04 12.59 7.85
CA LEU B 341 21.25 12.38 7.07
C LEU B 341 22.06 11.14 7.47
N GLU B 342 22.33 10.99 8.77
CA GLU B 342 23.10 9.86 9.25
C GLU B 342 22.44 8.52 8.90
N PHE B 343 21.12 8.45 9.08
CA PHE B 343 20.38 7.23 8.77
C PHE B 343 20.54 6.78 7.31
N TRP B 344 20.10 7.63 6.38
CA TRP B 344 20.20 7.31 4.96
C TRP B 344 21.63 7.02 4.54
N GLU B 345 22.56 7.82 5.04
CA GLU B 345 23.95 7.61 4.71
C GLU B 345 24.41 6.20 5.10
N SER B 346 24.06 5.75 6.29
CA SER B 346 24.46 4.42 6.74
C SER B 346 23.80 3.37 5.85
N VAL B 347 22.54 3.61 5.48
CA VAL B 347 21.82 2.69 4.63
C VAL B 347 22.51 2.51 3.29
N PHE B 348 22.80 3.60 2.59
CA PHE B 348 23.45 3.46 1.30
C PHE B 348 24.89 2.94 1.39
N THR B 349 25.52 3.16 2.54
CA THR B 349 26.90 2.70 2.71
C THR B 349 27.01 1.18 2.62
N GLY B 350 25.95 0.48 2.98
CA GLY B 350 25.96 -0.97 2.92
C GLY B 350 25.54 -1.57 1.57
N LEU B 351 25.07 -0.72 0.67
CA LEU B 351 24.62 -1.18 -0.65
C LEU B 351 25.77 -1.20 -1.66
N THR B 352 26.67 -2.17 -1.51
CA THR B 352 27.82 -2.29 -2.40
C THR B 352 27.74 -3.46 -3.39
N HIS B 353 28.63 -3.40 -4.38
CA HIS B 353 28.71 -4.43 -5.42
C HIS B 353 27.42 -4.56 -6.22
N ILE B 354 26.90 -3.43 -6.68
CA ILE B 354 25.66 -3.42 -7.44
C ILE B 354 25.93 -3.75 -8.91
N ASP B 355 24.99 -4.44 -9.55
CA ASP B 355 25.13 -4.79 -10.95
C ASP B 355 25.10 -3.52 -11.79
N ALA B 356 26.18 -3.28 -12.52
CA ALA B 356 26.31 -2.10 -13.35
C ALA B 356 25.25 -2.02 -14.45
N HIS B 357 24.99 -3.15 -15.09
CA HIS B 357 24.02 -3.19 -16.18
C HIS B 357 22.62 -2.81 -15.68
N PHE B 358 22.22 -3.35 -14.52
CA PHE B 358 20.91 -3.05 -13.96
C PHE B 358 20.82 -1.55 -13.66
N LEU B 359 21.84 -1.02 -13.01
CA LEU B 359 21.87 0.40 -12.67
C LEU B 359 21.70 1.25 -13.94
N SER B 360 22.49 0.94 -14.96
CA SER B 360 22.41 1.68 -16.23
C SER B 360 20.98 1.68 -16.73
N GLN B 361 20.34 0.53 -16.65
CA GLN B 361 18.97 0.37 -17.10
C GLN B 361 17.96 1.12 -16.26
N THR B 362 18.11 1.09 -14.93
CA THR B 362 17.15 1.80 -14.10
C THR B 362 17.31 3.31 -14.27
N LYS B 363 18.51 3.75 -14.61
CA LYS B 363 18.75 5.18 -14.81
C LYS B 363 18.11 5.65 -16.12
N GLN B 364 18.27 4.87 -17.19
CA GLN B 364 17.68 5.23 -18.47
C GLN B 364 16.15 5.22 -18.40
N ALA B 365 15.60 4.35 -17.55
CA ALA B 365 14.16 4.26 -17.41
C ALA B 365 13.60 5.55 -16.82
N GLY B 366 14.43 6.28 -16.09
CA GLY B 366 13.99 7.52 -15.48
C GLY B 366 13.36 7.30 -14.13
N ASP B 367 13.75 6.23 -13.45
CA ASP B 367 13.23 5.91 -12.13
C ASP B 367 13.61 6.99 -11.13
N ASN B 368 12.82 7.13 -10.07
CA ASN B 368 13.09 8.14 -9.04
C ASN B 368 14.16 7.66 -8.07
N PHE B 369 14.28 6.34 -7.95
CA PHE B 369 15.27 5.73 -7.07
C PHE B 369 15.97 4.64 -7.87
N PRO B 370 16.68 5.02 -8.94
CA PRO B 370 17.39 4.04 -9.77
C PRO B 370 18.38 3.14 -9.02
N TYR B 371 19.07 3.68 -8.03
CA TYR B 371 20.03 2.87 -7.29
C TYR B 371 19.31 1.83 -6.44
N LEU B 372 18.28 2.25 -5.71
CA LEU B 372 17.53 1.30 -4.87
C LEU B 372 16.84 0.23 -5.70
N VAL B 373 16.32 0.62 -6.86
CA VAL B 373 15.63 -0.31 -7.75
C VAL B 373 16.62 -1.34 -8.29
N ALA B 374 17.71 -0.87 -8.87
CA ALA B 374 18.74 -1.76 -9.40
C ALA B 374 19.38 -2.62 -8.30
N TYR B 375 19.50 -2.07 -7.09
CA TYR B 375 20.10 -2.87 -6.02
C TYR B 375 19.21 -4.04 -5.60
N GLN B 376 17.89 -3.79 -5.54
CA GLN B 376 16.95 -4.85 -5.19
C GLN B 376 16.99 -5.92 -6.28
N ALA B 377 17.14 -5.48 -7.53
CA ALA B 377 17.21 -6.39 -8.66
C ALA B 377 18.51 -7.19 -8.58
N THR B 378 19.59 -6.50 -8.23
CA THR B 378 20.89 -7.13 -8.10
C THR B 378 20.78 -8.28 -7.08
N VAL B 379 20.16 -7.98 -5.94
CA VAL B 379 19.98 -8.97 -4.89
C VAL B 379 19.12 -10.14 -5.31
N CYS B 380 18.08 -9.89 -6.10
CA CYS B 380 17.21 -10.97 -6.57
C CYS B 380 17.94 -11.92 -7.51
N ALA B 381 18.59 -11.35 -8.51
CA ALA B 381 19.33 -12.14 -9.50
C ALA B 381 20.38 -13.05 -8.84
N ARG B 382 21.12 -12.52 -7.89
CA ARG B 382 22.16 -13.30 -7.22
C ARG B 382 21.60 -14.38 -6.31
N ALA B 383 20.31 -14.27 -5.97
CA ALA B 383 19.67 -15.26 -5.13
C ALA B 383 18.76 -16.12 -6.01
N GLN B 384 18.73 -15.79 -7.30
CA GLN B 384 17.89 -16.47 -8.27
C GLN B 384 16.45 -16.48 -7.77
N ALA B 385 16.02 -15.31 -7.30
CA ALA B 385 14.67 -15.12 -6.78
C ALA B 385 13.99 -14.04 -7.61
N PRO B 386 12.66 -14.10 -7.74
CA PRO B 386 11.96 -13.08 -8.52
C PRO B 386 11.80 -11.74 -7.84
N PRO B 387 11.56 -10.67 -8.63
CA PRO B 387 11.39 -9.32 -8.06
C PRO B 387 10.06 -9.25 -7.32
N PRO B 388 9.82 -8.18 -6.55
CA PRO B 388 8.57 -8.03 -5.81
C PRO B 388 7.32 -8.20 -6.68
N SER B 389 7.47 -7.90 -7.96
CA SER B 389 6.36 -8.02 -8.91
C SER B 389 7.00 -7.95 -10.29
N TRP B 390 6.19 -7.97 -11.34
CA TRP B 390 6.71 -7.87 -12.69
C TRP B 390 6.29 -6.59 -13.38
N ASP B 391 6.20 -5.52 -12.59
CA ASP B 391 5.84 -4.21 -13.11
C ASP B 391 7.02 -3.72 -13.93
N GLN B 392 6.80 -2.73 -14.78
CA GLN B 392 7.86 -2.20 -15.61
C GLN B 392 9.07 -1.74 -14.80
N MET B 393 8.90 -1.58 -13.50
CA MET B 393 10.01 -1.16 -12.66
C MET B 393 11.11 -2.22 -12.61
N TRP B 394 10.74 -3.48 -12.86
CA TRP B 394 11.70 -4.57 -12.81
C TRP B 394 12.11 -5.18 -14.15
N LYS B 395 11.84 -4.45 -15.24
CA LYS B 395 12.16 -4.89 -16.60
C LYS B 395 13.54 -5.52 -16.77
N CYS B 396 14.55 -4.92 -16.11
CA CYS B 396 15.91 -5.41 -16.24
C CYS B 396 16.10 -6.88 -15.87
N LEU B 397 15.09 -7.48 -15.25
CA LEU B 397 15.16 -8.88 -14.84
C LEU B 397 14.36 -9.81 -15.74
N ILE B 398 13.75 -9.25 -16.79
CA ILE B 398 12.91 -10.04 -17.69
C ILE B 398 13.59 -11.22 -18.38
N ARG B 399 14.86 -11.07 -18.76
CA ARG B 399 15.56 -12.17 -19.43
C ARG B 399 15.94 -13.30 -18.48
N LEU B 400 15.92 -13.04 -17.18
CA LEU B 400 16.26 -14.05 -16.18
C LEU B 400 14.99 -14.66 -15.58
N LYS B 401 13.85 -14.09 -15.91
CA LYS B 401 12.55 -14.53 -15.38
C LYS B 401 12.35 -16.04 -15.17
N PRO B 402 12.64 -16.87 -16.19
CA PRO B 402 12.46 -18.32 -16.03
C PRO B 402 13.31 -18.96 -14.93
N THR B 403 14.50 -18.40 -14.72
CA THR B 403 15.43 -18.92 -13.73
C THR B 403 15.23 -18.42 -12.30
N LEU B 404 14.23 -17.56 -12.10
CA LEU B 404 13.98 -17.01 -10.77
C LEU B 404 12.80 -17.72 -10.14
N HIS B 405 12.96 -18.14 -8.89
CA HIS B 405 11.89 -18.85 -8.20
C HIS B 405 11.91 -18.59 -6.70
N GLY B 406 10.80 -18.93 -6.04
CA GLY B 406 10.71 -18.76 -4.60
C GLY B 406 10.33 -17.37 -4.13
N PRO B 407 10.46 -17.10 -2.83
CA PRO B 407 10.12 -15.80 -2.26
C PRO B 407 11.12 -14.72 -2.66
N THR B 408 10.76 -13.46 -2.42
CA THR B 408 11.60 -12.33 -2.77
C THR B 408 12.39 -11.80 -1.57
N PRO B 409 13.71 -11.63 -1.74
CA PRO B 409 14.57 -11.11 -0.68
C PRO B 409 14.30 -9.61 -0.63
N LEU B 410 13.10 -9.26 -0.15
CA LEU B 410 12.66 -7.87 -0.08
C LEU B 410 13.55 -7.01 0.80
N LEU B 411 14.06 -5.93 0.23
CA LEU B 411 14.94 -5.02 0.94
C LEU B 411 14.18 -3.84 1.52
N TYR B 412 13.14 -3.43 0.81
CA TYR B 412 12.30 -2.31 1.19
C TYR B 412 11.15 -2.32 0.18
N ARG B 413 10.20 -1.41 0.31
CA ARG B 413 9.08 -1.39 -0.63
C ARG B 413 9.06 -0.14 -1.48
N LEU B 414 8.97 -0.32 -2.79
CA LEU B 414 8.96 0.80 -3.74
C LEU B 414 7.68 0.78 -4.59
N GLY B 415 6.86 -0.24 -4.38
CA GLY B 415 5.62 -0.36 -5.13
C GLY B 415 4.83 -1.55 -4.63
N ALA B 416 3.85 -1.98 -5.40
CA ALA B 416 3.03 -3.12 -4.99
C ALA B 416 3.89 -4.37 -4.96
N VAL B 417 3.53 -5.30 -4.08
CA VAL B 417 4.25 -6.56 -3.96
C VAL B 417 3.27 -7.67 -4.27
N GLN B 418 3.61 -8.48 -5.28
CA GLN B 418 2.75 -9.57 -5.72
C GLN B 418 3.48 -10.92 -5.58
N ASN B 419 4.12 -11.16 -4.46
CA ASN B 419 4.85 -12.42 -4.30
C ASN B 419 5.20 -12.69 -2.86
N GLU B 420 5.48 -13.95 -2.54
CA GLU B 420 5.86 -14.31 -1.18
C GLU B 420 7.17 -13.58 -0.95
N VAL B 421 7.46 -13.25 0.31
CA VAL B 421 8.68 -12.54 0.63
C VAL B 421 9.44 -13.12 1.81
N THR B 422 10.74 -12.88 1.84
CA THR B 422 11.59 -13.35 2.93
C THR B 422 12.35 -12.13 3.46
N THR B 423 12.72 -12.17 4.74
CA THR B 423 13.43 -11.06 5.35
C THR B 423 14.76 -11.48 5.95
N THR B 424 15.26 -12.64 5.55
CA THR B 424 16.52 -13.15 6.08
C THR B 424 17.78 -12.76 5.30
N HIS B 425 17.62 -11.99 4.22
CA HIS B 425 18.78 -11.59 3.45
C HIS B 425 19.66 -10.61 4.21
N PRO B 426 21.00 -10.77 4.13
CA PRO B 426 21.95 -9.91 4.81
C PRO B 426 21.69 -8.41 4.62
N ILE B 427 21.28 -8.02 3.41
CA ILE B 427 21.02 -6.62 3.16
C ILE B 427 19.80 -6.15 3.94
N THR B 428 18.74 -6.96 3.91
CA THR B 428 17.53 -6.61 4.64
C THR B 428 17.88 -6.44 6.11
N LYS B 429 18.59 -7.42 6.66
CA LYS B 429 19.00 -7.38 8.06
C LYS B 429 19.86 -6.14 8.33
N TYR B 430 20.72 -5.80 7.38
CA TYR B 430 21.57 -4.62 7.56
C TYR B 430 20.70 -3.36 7.68
N ILE B 431 19.73 -3.22 6.79
CA ILE B 431 18.84 -2.07 6.80
C ILE B 431 17.96 -2.05 8.04
N MET B 432 17.47 -3.22 8.45
CA MET B 432 16.64 -3.31 9.65
C MET B 432 17.42 -2.77 10.83
N ALA B 433 18.71 -3.12 10.87
CA ALA B 433 19.59 -2.68 11.94
C ALA B 433 19.87 -1.18 11.83
N CYS B 434 19.86 -0.66 10.60
CA CYS B 434 20.11 0.76 10.37
C CYS B 434 18.97 1.55 10.95
N MET B 435 17.78 0.96 10.95
CA MET B 435 16.58 1.59 11.47
C MET B 435 16.45 1.38 12.97
N SER B 436 17.52 0.88 13.59
CA SER B 436 17.52 0.63 15.03
C SER B 436 18.43 1.56 15.81
N ALA B 437 19.74 1.36 15.67
CA ALA B 437 20.70 2.19 16.37
C ALA B 437 21.11 3.37 15.49
AL ALF C . -22.01 -14.70 -0.73
F1 ALF C . -22.49 -15.84 0.32
F2 ALF C . -21.48 -13.55 -1.77
F3 ALF C . -22.38 -13.54 0.38
F4 ALF C . -21.59 -15.85 -1.82
PB ADP D . -25.22 -15.15 -1.37
O1B ADP D . -25.35 -16.03 -0.21
O2B ADP D . -23.86 -14.56 -1.37
O3B ADP D . -25.54 -15.87 -2.62
PA ADP D . -27.26 -13.52 -0.15
O1A ADP D . -28.21 -14.64 -0.03
O2A ADP D . -26.58 -13.24 1.12
O3A ADP D . -26.18 -13.93 -1.25
O5' ADP D . -27.93 -12.21 -0.72
C5' ADP D . -28.67 -12.26 -1.95
C4' ADP D . -29.16 -10.84 -2.24
O4' ADP D . -30.12 -10.42 -1.24
C3' ADP D . -28.05 -9.80 -2.24
O3' ADP D . -27.60 -9.48 -3.57
C2' ADP D . -28.63 -8.57 -1.56
O2' ADP D . -29.08 -7.58 -2.49
C1' ADP D . -29.75 -9.13 -0.68
N9 ADP D . -29.34 -9.19 0.79
C8 ADP D . -28.90 -10.26 1.45
N7 ADP D . -28.65 -9.93 2.72
C5 ADP D . -28.90 -8.66 2.89
C6 ADP D . -28.84 -7.74 3.97
N6 ADP D . -28.42 -8.14 5.18
N1 ADP D . -29.21 -6.43 3.78
C2 ADP D . -29.64 -5.99 2.57
N3 ADP D . -29.71 -6.86 1.53
C4 ADP D . -29.35 -8.18 1.64
MG MG E . -24.18 -16.47 1.40
AL ALF F . 10.68 32.95 -12.37
F1 ALF F . 10.83 32.42 -13.90
F2 ALF F . 10.55 33.52 -10.84
F3 ALF F . 12.23 32.55 -12.07
F4 ALF F . 9.10 33.30 -12.63
PB ADP G . 12.26 35.85 -12.90
O1B ADP G . 11.14 34.88 -12.84
O2B ADP G . 12.14 36.96 -11.92
O3B ADP G . 13.55 35.12 -12.74
PA ADP G . 13.05 36.30 -15.60
O1A ADP G . 13.13 34.88 -15.98
O2A ADP G . 14.38 36.86 -15.29
O3A ADP G . 12.15 36.45 -14.32
O5' ADP G . 12.28 37.14 -16.70
C5' ADP G . 12.10 38.57 -16.55
C4' ADP G . 11.37 39.12 -17.79
O4' ADP G . 12.25 39.12 -18.93
C3' ADP G . 10.12 38.34 -18.19
O3' ADP G . 8.93 38.98 -17.76
C2' ADP G . 10.16 38.28 -19.71
O2' ADP G . 9.29 39.24 -20.34
C1' ADP G . 11.63 38.46 -20.05
N9 ADP G . 12.31 37.15 -20.40
C8 ADP G . 13.08 36.42 -19.57
N7 ADP G . 13.52 35.33 -20.21
C5 ADP G . 13.04 35.35 -21.42
C6 ADP G . 13.14 34.52 -22.55
N6 ADP G . 13.86 33.39 -22.48
N1 ADP G . 12.49 34.85 -23.71
C2 ADP G . 11.75 35.98 -23.81
N3 ADP G . 11.66 36.79 -22.73
C4 ADP G . 12.27 36.53 -21.56
MG MG H . 14.15 33.04 -12.72
#